data_6Y1R
#
_entry.id   6Y1R
#
_cell.length_a   45.469
_cell.length_b   49.425
_cell.length_c   81.349
_cell.angle_alpha   91.710
_cell.angle_beta   99.180
_cell.angle_gamma   102.610
#
_symmetry.space_group_name_H-M   'P 1'
#
loop_
_entity.id
_entity.type
_entity.pdbx_description
1 polymer Nb22-LBT
2 non-polymer 'TERBIUM(III) ION'
3 non-polymer 'SULFATE ION'
4 water water
#
_entity_poly.entity_id   1
_entity_poly.type   'polypeptide(L)'
_entity_poly.pdbx_seq_one_letter_code
;QVQLQESGGGLVQAGGSLRLSCAASGGTFKSGGMAWFRQAGYIDTNNDGWIEGDELYKAREFAAGISWSGGSTDYEDSVK
GRFTISRDNAKNTMYLQMNSLKPEDTAVYYCAAARRFRAGVVTRADDVDYWGKGTQVTVSSHHHHHH
;
_entity_poly.pdbx_strand_id   A,B,C,D,E
#
loop_
_chem_comp.id
_chem_comp.type
_chem_comp.name
_chem_comp.formula
SO4 non-polymer 'SULFATE ION' 'O4 S -2'
TB non-polymer 'TERBIUM(III) ION' 'Tb 3'
#
# COMPACT_ATOMS: atom_id res chain seq x y z
N GLN A 1 -3.43 27.10 -29.57
CA GLN A 1 -3.36 26.71 -31.01
C GLN A 1 -3.40 25.18 -31.16
N VAL A 2 -4.14 24.54 -30.27
CA VAL A 2 -4.32 23.08 -30.29
C VAL A 2 -5.52 22.76 -31.16
N GLN A 3 -5.34 21.86 -32.12
CA GLN A 3 -6.46 21.30 -32.86
C GLN A 3 -6.68 19.87 -32.40
N LEU A 4 -7.93 19.51 -32.15
CA LEU A 4 -8.31 18.22 -31.62
C LEU A 4 -9.38 17.67 -32.54
N GLN A 5 -9.15 16.49 -33.11
CA GLN A 5 -10.15 15.85 -33.95
C GLN A 5 -10.52 14.49 -33.37
N GLU A 6 -11.81 14.28 -33.14
CA GLU A 6 -12.34 13.08 -32.52
C GLU A 6 -12.82 12.11 -33.58
N SER A 7 -12.78 10.83 -33.26
CA SER A 7 -13.36 9.79 -34.07
C SER A 7 -13.76 8.64 -33.16
N GLY A 8 -14.51 7.70 -33.72
CA GLY A 8 -14.84 6.48 -33.01
C GLY A 8 -16.24 6.37 -32.44
N GLY A 9 -17.07 7.39 -32.62
CA GLY A 9 -18.44 7.29 -32.13
C GLY A 9 -19.23 6.22 -32.83
N GLY A 10 -20.34 5.83 -32.21
CA GLY A 10 -21.19 4.81 -32.80
C GLY A 10 -22.40 4.50 -31.95
N LEU A 11 -23.10 3.46 -32.38
CA LEU A 11 -24.30 2.97 -31.72
C LEU A 11 -24.17 1.47 -31.52
N VAL A 12 -24.20 1.04 -30.26
CA VAL A 12 -24.03 -0.37 -29.89
C VAL A 12 -25.10 -0.72 -28.87
N GLN A 13 -25.33 -2.02 -28.70
CA GLN A 13 -26.27 -2.44 -27.67
C GLN A 13 -25.57 -2.48 -26.32
N ALA A 14 -26.38 -2.35 -25.26
CA ALA A 14 -25.87 -2.48 -23.90
C ALA A 14 -24.96 -3.70 -23.80
N GLY A 15 -23.86 -3.54 -23.07
CA GLY A 15 -22.86 -4.58 -22.96
C GLY A 15 -21.76 -4.53 -23.99
N GLY A 16 -21.92 -3.74 -25.06
CA GLY A 16 -20.94 -3.67 -26.11
C GLY A 16 -19.78 -2.74 -25.77
N SER A 17 -18.91 -2.54 -26.76
CA SER A 17 -17.72 -1.76 -26.60
C SER A 17 -17.53 -0.80 -27.76
N LEU A 18 -16.81 0.29 -27.47
CA LEU A 18 -16.36 1.23 -28.48
C LEU A 18 -14.97 1.69 -28.09
N ARG A 19 -14.30 2.38 -29.01
CA ARG A 19 -13.05 3.05 -28.68
C ARG A 19 -13.02 4.41 -29.37
N LEU A 20 -13.07 5.47 -28.58
CA LEU A 20 -12.94 6.81 -29.11
C LEU A 20 -11.47 7.15 -29.30
N SER A 21 -11.21 8.02 -30.27
CA SER A 21 -9.87 8.55 -30.50
C SER A 21 -9.93 10.06 -30.59
N CYS A 22 -8.83 10.71 -30.18
CA CYS A 22 -8.66 12.14 -30.34
C CYS A 22 -7.26 12.42 -30.85
N ALA A 23 -7.16 12.96 -32.06
CA ALA A 23 -5.89 13.33 -32.66
C ALA A 23 -5.58 14.77 -32.33
N ALA A 24 -4.39 15.02 -31.79
CA ALA A 24 -4.00 16.31 -31.28
C ALA A 24 -2.88 16.91 -32.12
N SER A 25 -3.05 18.16 -32.53
CA SER A 25 -2.03 18.91 -33.24
C SER A 25 -1.99 20.33 -32.70
N GLY A 26 -0.79 20.90 -32.66
CA GLY A 26 -0.65 22.26 -32.18
C GLY A 26 0.54 22.44 -31.27
N GLY A 27 0.41 23.30 -30.27
CA GLY A 27 1.53 23.62 -29.41
C GLY A 27 1.32 23.38 -27.93
N THR A 28 2.35 22.96 -27.15
CA THR A 28 2.42 22.67 -25.72
C THR A 28 1.41 21.64 -25.25
N PHE A 29 0.58 20.95 -26.05
CA PHE A 29 -0.39 20.04 -25.44
C PHE A 29 0.29 18.86 -24.76
N LYS A 30 1.51 18.51 -25.19
CA LYS A 30 2.23 17.42 -24.54
C LYS A 30 2.77 17.80 -23.17
N SER A 31 2.77 19.08 -22.82
CA SER A 31 3.23 19.53 -21.50
C SER A 31 2.10 19.57 -20.49
N GLY A 32 0.88 19.20 -20.89
CA GLY A 32 -0.25 19.23 -19.99
C GLY A 32 -1.00 17.91 -20.02
N GLY A 33 -2.31 18.03 -19.80
CA GLY A 33 -3.20 16.89 -19.80
C GLY A 33 -4.19 16.91 -20.95
N MET A 34 -4.81 15.75 -21.13
CA MET A 34 -5.92 15.56 -22.06
C MET A 34 -7.04 14.89 -21.29
N ALA A 35 -8.25 15.04 -21.79
CA ALA A 35 -9.37 14.44 -21.08
C ALA A 35 -10.52 14.21 -22.03
N TRP A 36 -11.42 13.33 -21.61
CA TRP A 36 -12.72 13.15 -22.23
C TRP A 36 -13.81 13.67 -21.29
N PHE A 37 -14.67 14.54 -21.81
CA PHE A 37 -15.86 15.02 -21.13
C PHE A 37 -17.07 14.48 -21.86
N ARG A 38 -18.20 14.38 -21.17
CA ARG A 38 -19.38 13.94 -21.87
C ARG A 38 -20.56 14.79 -21.43
N GLN A 39 -21.51 14.90 -22.34
CA GLN A 39 -22.76 15.64 -22.15
C GLN A 39 -23.86 14.59 -22.24
N ALA A 40 -24.31 14.10 -21.10
CA ALA A 40 -25.45 13.18 -21.10
C ALA A 40 -26.71 13.98 -21.44
N GLY A 41 -27.85 13.30 -21.41
CA GLY A 41 -29.12 13.95 -21.67
C GLY A 41 -29.51 14.91 -20.56
N TYR A 42 -30.52 15.74 -20.85
CA TYR A 42 -31.00 16.68 -19.86
C TYR A 42 -31.73 15.93 -18.74
N ILE A 43 -31.77 16.55 -17.56
CA ILE A 43 -32.43 15.98 -16.41
C ILE A 43 -33.76 16.69 -16.19
N ASP A 44 -34.83 15.89 -16.05
CA ASP A 44 -36.18 16.38 -15.77
C ASP A 44 -36.33 16.63 -14.28
N THR A 45 -35.75 17.74 -13.82
CA THR A 45 -35.59 17.91 -12.38
C THR A 45 -36.89 18.26 -11.65
N ASN A 46 -37.95 18.69 -12.36
CA ASN A 46 -39.23 18.96 -11.70
C ASN A 46 -40.26 17.88 -12.02
N ASN A 47 -39.87 16.79 -12.69
CA ASN A 47 -40.69 15.56 -12.77
C ASN A 47 -42.06 15.79 -13.43
N ASP A 48 -42.10 16.64 -14.45
CA ASP A 48 -43.32 16.84 -15.22
C ASP A 48 -43.36 15.99 -16.48
N GLY A 49 -42.28 15.27 -16.79
CA GLY A 49 -42.26 14.35 -17.93
C GLY A 49 -41.62 14.86 -19.20
N TRP A 50 -41.10 16.09 -19.23
CA TRP A 50 -40.43 16.61 -20.41
C TRP A 50 -39.34 17.55 -19.95
N ILE A 51 -38.57 18.08 -20.89
CA ILE A 51 -37.44 18.97 -20.62
C ILE A 51 -37.82 20.39 -21.03
N GLU A 52 -37.60 21.35 -20.11
CA GLU A 52 -37.89 22.75 -20.41
C GLU A 52 -37.07 23.64 -19.49
N GLY A 53 -37.05 24.92 -19.80
CA GLY A 53 -36.53 25.92 -18.90
C GLY A 53 -35.07 25.69 -18.56
N ASP A 54 -34.75 25.82 -17.28
CA ASP A 54 -33.38 25.66 -16.83
C ASP A 54 -32.86 24.24 -17.01
N GLU A 55 -33.76 23.28 -17.28
CA GLU A 55 -33.34 21.90 -17.49
C GLU A 55 -32.59 21.69 -18.80
N LEU A 56 -32.58 22.69 -19.68
CA LEU A 56 -31.94 22.55 -20.98
C LEU A 56 -30.46 22.91 -20.91
N TYR A 57 -29.76 22.33 -19.93
CA TYR A 57 -28.35 22.62 -19.70
C TYR A 57 -27.49 21.44 -20.14
N LYS A 58 -26.50 21.74 -20.97
CA LYS A 58 -25.60 20.76 -21.58
C LYS A 58 -24.40 20.47 -20.71
N ALA A 59 -24.62 20.25 -19.41
CA ALA A 59 -23.50 20.08 -18.50
C ALA A 59 -22.47 19.08 -19.00
N ARG A 60 -21.25 19.56 -19.31
CA ARG A 60 -20.17 18.69 -19.77
C ARG A 60 -19.37 18.23 -18.55
N GLU A 61 -19.42 16.94 -18.26
CA GLU A 61 -18.82 16.39 -17.05
C GLU A 61 -17.57 15.59 -17.39
N PHE A 62 -16.54 15.71 -16.57
CA PHE A 62 -15.33 14.88 -16.70
C PHE A 62 -15.67 13.39 -16.70
N ALA A 63 -15.10 12.66 -17.65
CA ALA A 63 -15.18 11.20 -17.65
C ALA A 63 -13.83 10.53 -17.41
N ALA A 64 -12.78 11.01 -18.05
CA ALA A 64 -11.46 10.40 -17.91
C ALA A 64 -10.41 11.41 -18.32
N GLY A 65 -9.23 11.31 -17.69
CA GLY A 65 -8.16 12.24 -17.98
C GLY A 65 -6.81 11.57 -17.83
N ILE A 66 -5.83 12.18 -18.48
CA ILE A 66 -4.50 11.56 -18.58
C ILE A 66 -3.45 12.66 -18.68
N SER A 67 -2.33 12.45 -18.00
CA SER A 67 -1.15 13.27 -18.19
C SER A 67 -0.44 12.82 -19.47
N TRP A 68 -0.09 13.78 -20.34
CA TRP A 68 0.58 13.36 -21.57
C TRP A 68 1.99 12.83 -21.28
N SER A 69 2.69 13.46 -20.33
CA SER A 69 4.11 13.17 -20.14
C SER A 69 4.33 11.78 -19.52
N GLY A 70 3.55 11.42 -18.51
CA GLY A 70 3.75 10.16 -17.80
C GLY A 70 2.66 9.12 -17.93
N GLY A 71 1.49 9.52 -18.43
CA GLY A 71 0.41 8.58 -18.63
C GLY A 71 -0.48 8.31 -17.43
N SER A 72 -0.34 9.04 -16.33
CA SER A 72 -1.22 8.83 -15.19
C SER A 72 -2.67 9.03 -15.60
N THR A 73 -3.58 8.22 -15.07
CA THR A 73 -4.99 8.32 -15.41
C THR A 73 -5.87 8.61 -14.19
N ASP A 74 -7.04 9.18 -14.48
CA ASP A 74 -8.06 9.53 -13.49
C ASP A 74 -9.40 9.34 -14.17
N TYR A 75 -10.39 8.84 -13.43
CA TYR A 75 -11.70 8.49 -13.97
C TYR A 75 -12.83 8.97 -13.07
N GLU A 76 -13.91 9.45 -13.71
CA GLU A 76 -15.19 9.53 -13.03
C GLU A 76 -15.58 8.15 -12.51
N ASP A 77 -16.07 8.06 -11.27
CA ASP A 77 -16.13 6.73 -10.66
C ASP A 77 -17.17 5.82 -11.31
N SER A 78 -18.21 6.37 -11.95
CA SER A 78 -19.20 5.51 -12.60
C SER A 78 -18.70 4.85 -13.89
N VAL A 79 -17.49 5.16 -14.35
CA VAL A 79 -16.92 4.51 -15.52
C VAL A 79 -15.63 3.79 -15.20
N LYS A 80 -15.12 3.90 -13.98
CA LYS A 80 -13.92 3.18 -13.57
C LYS A 80 -14.12 1.68 -13.72
N GLY A 81 -13.08 0.99 -14.22
CA GLY A 81 -13.16 -0.42 -14.48
C GLY A 81 -13.79 -0.78 -15.81
N ARG A 82 -14.56 0.12 -16.40
CA ARG A 82 -15.19 -0.11 -17.69
C ARG A 82 -14.48 0.65 -18.81
N PHE A 83 -13.99 1.86 -18.51
CA PHE A 83 -13.36 2.71 -19.49
C PHE A 83 -11.86 2.74 -19.23
N THR A 84 -11.08 2.86 -20.31
CA THR A 84 -9.64 2.99 -20.18
C THR A 84 -9.17 4.13 -21.08
N ILE A 85 -8.50 5.12 -20.48
CA ILE A 85 -7.90 6.21 -21.24
C ILE A 85 -6.42 5.93 -21.38
N SER A 86 -5.87 6.30 -22.53
CA SER A 86 -4.47 6.04 -22.87
C SER A 86 -4.05 7.02 -23.97
N ARG A 87 -2.75 7.13 -24.18
CA ARG A 87 -2.26 7.98 -25.26
C ARG A 87 -1.03 7.33 -25.88
N ASP A 88 -0.89 7.56 -27.19
CA ASP A 88 0.23 7.06 -27.99
C ASP A 88 1.03 8.28 -28.43
N ASN A 89 2.19 8.48 -27.79
CA ASN A 89 3.02 9.66 -28.03
C ASN A 89 3.65 9.68 -29.43
N ALA A 90 3.74 8.53 -30.10
CA ALA A 90 4.25 8.52 -31.47
C ALA A 90 3.20 9.03 -32.45
N LYS A 91 1.95 8.63 -32.26
CA LYS A 91 0.88 9.03 -33.17
C LYS A 91 0.12 10.27 -32.72
N ASN A 92 0.49 10.88 -31.59
CA ASN A 92 -0.16 12.10 -31.11
C ASN A 92 -1.68 11.89 -30.98
N THR A 93 -2.06 10.74 -30.45
CA THR A 93 -3.47 10.37 -30.36
C THR A 93 -3.80 9.87 -28.98
N MET A 94 -4.97 10.29 -28.45
CA MET A 94 -5.52 9.80 -27.20
C MET A 94 -6.74 8.92 -27.51
N TYR A 95 -6.95 7.93 -26.65
CA TYR A 95 -7.97 6.91 -26.86
C TYR A 95 -8.83 6.79 -25.61
N LEU A 96 -10.10 6.43 -25.81
CA LEU A 96 -10.97 6.01 -24.72
C LEU A 96 -11.61 4.68 -25.11
N GLN A 97 -11.08 3.59 -24.54
CA GLN A 97 -11.66 2.25 -24.67
CA GLN A 97 -11.68 2.27 -24.68
C GLN A 97 -12.87 2.16 -23.73
N MET A 98 -14.05 1.91 -24.29
CA MET A 98 -15.29 1.82 -23.51
C MET A 98 -15.80 0.39 -23.58
N ASN A 99 -15.74 -0.31 -22.45
CA ASN A 99 -16.32 -1.65 -22.40
C ASN A 99 -17.58 -1.65 -21.53
N SER A 100 -18.37 -2.71 -21.66
CA SER A 100 -19.56 -2.92 -20.83
C SER A 100 -20.45 -1.69 -20.84
N LEU A 101 -20.69 -1.17 -22.04
CA LEU A 101 -21.43 0.06 -22.18
C LEU A 101 -22.83 -0.12 -21.61
N LYS A 102 -23.44 0.99 -21.23
CA LYS A 102 -24.78 1.03 -20.65
C LYS A 102 -25.58 2.17 -21.26
N PRO A 103 -26.91 2.05 -21.30
CA PRO A 103 -27.72 3.14 -21.86
C PRO A 103 -27.33 4.50 -21.30
N GLU A 104 -27.00 4.55 -20.01
CA GLU A 104 -26.67 5.80 -19.36
C GLU A 104 -25.36 6.40 -19.88
N ASP A 105 -24.52 5.60 -20.55
CA ASP A 105 -23.30 6.13 -21.15
C ASP A 105 -23.57 6.89 -22.44
N THR A 106 -24.80 6.83 -22.97
CA THR A 106 -25.20 7.64 -24.11
C THR A 106 -24.96 9.12 -23.82
N ALA A 107 -24.27 9.77 -24.72
CA ALA A 107 -23.88 11.17 -24.57
C ALA A 107 -23.06 11.59 -25.77
N VAL A 108 -22.91 12.90 -25.91
CA VAL A 108 -21.87 13.48 -26.75
C VAL A 108 -20.57 13.51 -25.94
N TYR A 109 -19.52 12.92 -26.49
CA TYR A 109 -18.20 12.85 -25.86
C TYR A 109 -17.27 13.85 -26.52
N TYR A 110 -16.60 14.68 -25.71
CA TYR A 110 -15.73 15.73 -26.20
C TYR A 110 -14.31 15.48 -25.71
N CYS A 111 -13.35 15.49 -26.62
CA CYS A 111 -11.94 15.49 -26.23
CA CYS A 111 -11.97 15.47 -26.15
C CYS A 111 -11.52 16.89 -25.82
N ALA A 112 -10.60 16.99 -24.87
CA ALA A 112 -10.20 18.24 -24.25
C ALA A 112 -8.72 18.25 -23.94
N ALA A 113 -8.10 19.41 -24.13
CA ALA A 113 -6.72 19.66 -23.71
C ALA A 113 -6.68 20.72 -22.61
N ALA A 114 -5.90 20.46 -21.57
CA ALA A 114 -5.76 21.40 -20.47
C ALA A 114 -4.31 21.42 -20.01
N ARG A 115 -3.81 22.62 -19.72
CA ARG A 115 -2.44 22.71 -19.19
C ARG A 115 -2.36 22.20 -17.76
N ARG A 116 -3.44 22.34 -16.99
CA ARG A 116 -3.43 21.96 -15.59
C ARG A 116 -4.71 21.24 -15.21
N PHE A 117 -4.60 20.27 -14.31
CA PHE A 117 -5.74 19.65 -13.66
C PHE A 117 -5.95 20.28 -12.29
N ARG A 118 -7.19 20.25 -11.81
CA ARG A 118 -7.46 20.65 -10.43
C ARG A 118 -6.90 19.58 -9.48
N ALA A 119 -6.42 20.03 -8.33
CA ALA A 119 -5.88 19.13 -7.32
C ALA A 119 -6.96 18.76 -6.31
N GLY A 120 -7.12 17.47 -6.05
CA GLY A 120 -8.04 16.98 -5.05
C GLY A 120 -9.51 17.02 -5.41
N VAL A 121 -9.89 17.64 -6.52
CA VAL A 121 -11.27 17.68 -6.97
C VAL A 121 -11.29 17.45 -8.47
N VAL A 122 -12.49 17.28 -9.01
CA VAL A 122 -12.64 17.01 -10.43
C VAL A 122 -12.31 18.26 -11.24
N THR A 123 -11.65 18.08 -12.37
CA THR A 123 -11.42 19.18 -13.29
C THR A 123 -12.74 19.52 -13.97
N ARG A 124 -12.99 20.82 -14.12
CA ARG A 124 -14.25 21.33 -14.63
C ARG A 124 -14.13 21.68 -16.10
N ALA A 125 -15.26 21.65 -16.79
CA ALA A 125 -15.27 22.04 -18.20
C ALA A 125 -14.65 23.42 -18.39
N ASP A 126 -14.94 24.38 -17.50
CA ASP A 126 -14.38 25.72 -17.67
C ASP A 126 -12.86 25.75 -17.53
N ASP A 127 -12.26 24.66 -17.04
CA ASP A 127 -10.81 24.56 -16.92
C ASP A 127 -10.11 24.11 -18.21
N VAL A 128 -10.87 23.74 -19.23
CA VAL A 128 -10.29 23.22 -20.47
C VAL A 128 -9.85 24.38 -21.36
N ASP A 129 -8.67 24.22 -21.97
CA ASP A 129 -8.16 25.23 -22.87
C ASP A 129 -8.71 25.06 -24.28
N TYR A 130 -8.74 23.82 -24.78
CA TYR A 130 -9.23 23.56 -26.13
C TYR A 130 -10.08 22.29 -26.15
N TRP A 131 -11.05 22.28 -27.06
CA TRP A 131 -12.05 21.23 -27.14
C TRP A 131 -12.10 20.67 -28.55
N GLY A 132 -12.53 19.41 -28.66
CA GLY A 132 -12.97 18.86 -29.94
C GLY A 132 -14.42 19.20 -30.21
N LYS A 133 -14.90 18.75 -31.36
CA LYS A 133 -16.25 19.10 -31.79
C LYS A 133 -17.32 18.23 -31.15
N GLY A 134 -16.96 17.11 -30.55
CA GLY A 134 -17.97 16.24 -29.97
C GLY A 134 -18.27 15.04 -30.85
N THR A 135 -18.54 13.91 -30.22
CA THR A 135 -18.75 12.65 -30.93
C THR A 135 -19.87 11.89 -30.23
N GLN A 136 -20.86 11.44 -30.99
CA GLN A 136 -22.03 10.81 -30.41
C GLN A 136 -21.77 9.35 -30.10
N VAL A 137 -22.09 8.96 -28.88
CA VAL A 137 -22.16 7.58 -28.46
C VAL A 137 -23.58 7.31 -28.02
N THR A 138 -24.25 6.36 -28.66
CA THR A 138 -25.58 5.93 -28.27
C THR A 138 -25.57 4.45 -27.95
N VAL A 139 -26.03 4.09 -26.75
CA VAL A 139 -26.09 2.71 -26.31
C VAL A 139 -27.55 2.33 -26.18
N SER A 140 -27.96 1.26 -26.85
CA SER A 140 -29.33 0.80 -26.73
C SER A 140 -29.52 0.00 -25.45
N SER A 141 -30.75 -0.10 -24.99
CA SER A 141 -31.05 -0.84 -23.77
C SER A 141 -31.43 -2.29 -24.06
N VAL B 2 -3.11 -15.10 -20.59
CA VAL B 2 -1.96 -14.59 -19.88
C VAL B 2 -2.38 -13.41 -19.01
N GLN B 3 -3.40 -13.58 -18.18
CA GLN B 3 -3.88 -12.44 -17.42
C GLN B 3 -3.28 -12.40 -16.02
N LEU B 4 -3.34 -11.22 -15.42
CA LEU B 4 -2.83 -10.99 -14.07
C LEU B 4 -3.89 -10.24 -13.29
N GLN B 5 -4.39 -10.84 -12.22
CA GLN B 5 -5.48 -10.24 -11.48
C GLN B 5 -5.07 -10.00 -10.03
N GLU B 6 -5.05 -8.74 -9.63
CA GLU B 6 -4.67 -8.28 -8.31
C GLU B 6 -5.85 -8.38 -7.36
N SER B 7 -5.52 -8.44 -6.08
CA SER B 7 -6.49 -8.49 -5.01
C SER B 7 -5.78 -8.10 -3.73
N GLY B 8 -6.53 -7.49 -2.81
CA GLY B 8 -6.05 -7.25 -1.46
C GLY B 8 -5.71 -5.82 -1.11
N GLY B 9 -5.94 -4.86 -2.00
CA GLY B 9 -5.65 -3.47 -1.68
C GLY B 9 -6.75 -2.81 -0.87
N GLY B 10 -6.57 -1.53 -0.60
CA GLY B 10 -7.59 -0.74 0.05
C GLY B 10 -6.99 0.21 1.05
N LEU B 11 -7.84 0.67 1.97
CA LEU B 11 -7.47 1.65 2.98
C LEU B 11 -6.98 0.96 4.24
N VAL B 12 -6.02 1.61 4.91
CA VAL B 12 -5.40 1.04 6.10
C VAL B 12 -4.80 2.17 6.92
N GLN B 13 -4.86 2.03 8.24
CA GLN B 13 -4.27 3.02 9.13
C GLN B 13 -2.75 3.02 8.98
N ALA B 14 -2.16 4.20 9.12
CA ALA B 14 -0.70 4.29 9.11
C ALA B 14 -0.13 3.43 10.22
N GLY B 15 0.79 2.54 9.85
CA GLY B 15 1.32 1.55 10.76
C GLY B 15 0.68 0.19 10.65
N GLY B 16 -0.46 0.08 9.94
CA GLY B 16 -1.12 -1.19 9.75
C GLY B 16 -0.44 -2.04 8.70
N SER B 17 -1.17 -3.04 8.22
CA SER B 17 -0.60 -4.02 7.30
C SER B 17 -1.62 -4.41 6.25
N LEU B 18 -1.11 -4.79 5.08
CA LEU B 18 -1.93 -5.32 4.00
C LEU B 18 -1.14 -6.44 3.31
N ARG B 19 -1.88 -7.37 2.70
CA ARG B 19 -1.30 -8.44 1.90
CA ARG B 19 -1.30 -8.44 1.90
C ARG B 19 -1.93 -8.41 0.51
N LEU B 20 -1.10 -8.16 -0.50
CA LEU B 20 -1.58 -8.13 -1.88
C LEU B 20 -1.34 -9.47 -2.55
N SER B 21 -2.19 -9.77 -3.52
CA SER B 21 -2.15 -11.01 -4.28
C SER B 21 -2.26 -10.69 -5.76
N CYS B 22 -1.50 -11.42 -6.57
CA CYS B 22 -1.61 -11.39 -8.01
C CYS B 22 -1.67 -12.82 -8.53
N ALA B 23 -2.75 -13.17 -9.22
CA ALA B 23 -2.90 -14.51 -9.78
C ALA B 23 -2.71 -14.46 -11.29
N ALA B 24 -1.80 -15.28 -11.78
CA ALA B 24 -1.52 -15.40 -13.21
C ALA B 24 -2.28 -16.59 -13.80
N SER B 25 -2.27 -16.66 -15.12
CA SER B 25 -3.00 -17.70 -15.84
C SER B 25 -2.16 -18.30 -16.97
N GLY B 32 12.24 -16.01 -16.41
CA GLY B 32 11.00 -15.27 -16.18
C GLY B 32 10.69 -14.99 -14.71
N GLY B 33 9.68 -14.16 -14.46
CA GLY B 33 9.40 -13.75 -13.10
C GLY B 33 8.25 -12.75 -13.07
N MET B 34 8.00 -12.25 -11.86
CA MET B 34 6.89 -11.34 -11.62
C MET B 34 7.39 -10.23 -10.69
N ALA B 35 6.58 -9.18 -10.56
CA ALA B 35 7.03 -8.04 -9.79
C ALA B 35 5.85 -7.14 -9.44
N TRP B 36 6.06 -6.34 -8.40
CA TRP B 36 5.08 -5.32 -8.01
C TRP B 36 5.69 -3.95 -8.25
N PHE B 37 4.93 -3.09 -8.93
CA PHE B 37 5.29 -1.70 -9.14
C PHE B 37 4.23 -0.84 -8.44
N ARG B 38 4.57 0.43 -8.21
CA ARG B 38 3.61 1.35 -7.62
C ARG B 38 3.76 2.73 -8.25
N GLN B 39 2.63 3.42 -8.34
CA GLN B 39 2.56 4.72 -8.99
C GLN B 39 1.68 5.61 -8.13
N ALA B 40 2.27 6.65 -7.58
CA ALA B 40 1.52 7.57 -6.74
C ALA B 40 0.50 8.34 -7.57
N GLY B 41 -0.51 8.85 -6.88
CA GLY B 41 -1.40 9.81 -7.49
C GLY B 41 -0.78 11.19 -7.57
N TYR B 42 -1.49 12.09 -8.23
CA TYR B 42 -1.02 13.46 -8.39
C TYR B 42 -0.73 14.10 -7.04
N ILE B 43 0.41 14.78 -6.96
CA ILE B 43 0.82 15.50 -5.75
C ILE B 43 1.00 16.97 -6.11
N ASP B 44 0.17 17.83 -5.51
CA ASP B 44 0.24 19.30 -5.68
C ASP B 44 1.47 19.80 -4.92
N THR B 45 2.63 19.64 -5.56
CA THR B 45 3.90 19.93 -4.90
C THR B 45 3.98 21.39 -4.47
N ASN B 46 3.95 22.31 -5.44
CA ASN B 46 3.99 23.73 -5.12
C ASN B 46 2.72 24.21 -4.43
N ASN B 47 1.71 23.36 -4.29
CA ASN B 47 0.52 23.67 -3.48
C ASN B 47 -0.21 24.92 -3.98
N ASP B 48 -0.41 25.00 -5.28
CA ASP B 48 -1.17 26.09 -5.88
C ASP B 48 -2.59 25.70 -6.25
N GLY B 49 -3.05 24.52 -5.83
CA GLY B 49 -4.41 24.06 -6.08
C GLY B 49 -4.62 23.39 -7.42
N TRP B 50 -3.61 23.36 -8.28
CA TRP B 50 -3.66 22.71 -9.58
C TRP B 50 -2.59 21.62 -9.63
N ILE B 51 -2.69 20.78 -10.65
CA ILE B 51 -1.65 19.82 -11.00
C ILE B 51 -1.10 20.25 -12.35
N GLU B 52 0.20 20.53 -12.42
CA GLU B 52 0.75 21.07 -13.66
C GLU B 52 2.24 20.81 -13.74
N GLY B 53 2.74 20.85 -14.97
CA GLY B 53 4.18 20.74 -15.19
C GLY B 53 4.71 19.38 -14.76
N ASP B 54 5.81 19.39 -14.01
CA ASP B 54 6.42 18.14 -13.59
C ASP B 54 5.55 17.39 -12.59
N GLU B 55 4.59 18.06 -11.96
CA GLU B 55 3.69 17.34 -11.08
C GLU B 55 2.80 16.37 -11.84
N LEU B 56 2.68 16.54 -13.15
CA LEU B 56 1.84 15.64 -13.92
C LEU B 56 2.55 14.33 -14.23
N TYR B 57 3.86 14.28 -14.09
CA TYR B 57 4.63 13.07 -14.33
C TYR B 57 4.72 12.25 -13.06
N LYS B 58 4.30 10.99 -13.15
CA LYS B 58 4.36 10.06 -12.02
C LYS B 58 5.07 8.80 -12.50
N ALA B 59 6.16 8.44 -11.82
CA ALA B 59 6.92 7.26 -12.20
C ALA B 59 6.18 6.00 -11.77
N ARG B 60 6.25 4.97 -12.61
CA ARG B 60 5.83 3.62 -12.24
C ARG B 60 7.06 2.94 -11.63
N GLU B 61 7.17 3.01 -10.31
CA GLU B 61 8.39 2.62 -9.61
C GLU B 61 8.38 1.14 -9.24
N PHE B 62 9.55 0.52 -9.39
CA PHE B 62 9.73 -0.84 -8.90
C PHE B 62 9.63 -0.87 -7.39
N ALA B 63 8.97 -1.90 -6.86
CA ALA B 63 8.92 -2.14 -5.42
C ALA B 63 9.54 -3.46 -5.02
N ALA B 64 9.15 -4.56 -5.68
CA ALA B 64 9.61 -5.89 -5.32
C ALA B 64 9.45 -6.82 -6.52
N GLY B 65 10.35 -7.79 -6.64
CA GLY B 65 10.29 -8.75 -7.73
C GLY B 65 10.75 -10.12 -7.26
N ILE B 66 10.35 -11.13 -8.02
CA ILE B 66 10.56 -12.53 -7.63
C ILE B 66 10.66 -13.39 -8.88
N SER B 67 11.59 -14.34 -8.87
CA SER B 67 11.71 -15.29 -9.95
C SER B 67 10.50 -16.22 -9.97
N TRP B 68 10.29 -16.86 -11.11
CA TRP B 68 9.17 -17.78 -11.26
C TRP B 68 9.19 -18.88 -10.20
N SER B 69 10.38 -19.42 -9.91
CA SER B 69 10.48 -20.44 -8.88
C SER B 69 10.36 -19.87 -7.47
N GLY B 70 10.50 -18.57 -7.31
CA GLY B 70 10.53 -17.96 -5.99
C GLY B 70 11.90 -17.93 -5.35
N GLY B 71 12.93 -18.48 -6.03
CA GLY B 71 14.25 -18.62 -5.44
C GLY B 71 15.08 -17.35 -5.36
N SER B 72 14.69 -16.30 -6.10
CA SER B 72 15.41 -15.03 -6.14
C SER B 72 14.41 -13.88 -5.99
N THR B 73 14.76 -12.90 -5.15
CA THR B 73 13.91 -11.73 -4.96
C THR B 73 14.78 -10.48 -4.97
N ASP B 74 14.14 -9.33 -5.23
CA ASP B 74 14.80 -8.03 -5.11
C ASP B 74 13.78 -7.03 -4.59
N TYR B 75 14.29 -5.97 -3.95
CA TYR B 75 13.47 -4.92 -3.36
C TYR B 75 14.08 -3.55 -3.64
N GLU B 76 13.22 -2.57 -3.87
CA GLU B 76 13.65 -1.18 -3.78
C GLU B 76 14.07 -0.87 -2.34
N ASP B 77 15.16 -0.12 -2.19
CA ASP B 77 15.78 0.01 -0.87
C ASP B 77 14.85 0.65 0.16
N SER B 78 13.98 1.57 -0.26
CA SER B 78 13.12 2.24 0.71
C SER B 78 12.01 1.34 1.24
N VAL B 79 11.70 0.23 0.56
CA VAL B 79 10.66 -0.68 0.99
C VAL B 79 11.20 -2.02 1.44
N LYS B 80 12.52 -2.21 1.41
CA LYS B 80 13.09 -3.52 1.72
C LYS B 80 12.74 -3.98 3.13
N GLY B 81 12.67 -3.06 4.07
CA GLY B 81 12.42 -3.44 5.44
C GLY B 81 10.98 -3.80 5.75
N ARG B 82 10.03 -3.32 4.94
CA ARG B 82 8.61 -3.41 5.26
C ARG B 82 7.79 -4.25 4.29
N PHE B 83 8.26 -4.51 3.07
CA PHE B 83 7.57 -5.34 2.11
C PHE B 83 8.29 -6.67 1.95
N THR B 84 7.53 -7.76 1.87
CA THR B 84 8.07 -9.10 1.59
C THR B 84 7.30 -9.73 0.45
N ILE B 85 8.02 -10.18 -0.59
CA ILE B 85 7.41 -10.81 -1.76
C ILE B 85 7.62 -12.32 -1.71
N SER B 86 6.64 -13.05 -2.23
CA SER B 86 6.65 -14.50 -2.16
C SER B 86 5.82 -15.05 -3.30
N ARG B 87 5.96 -16.35 -3.54
CA ARG B 87 5.31 -17.05 -4.64
C ARG B 87 4.70 -18.36 -4.13
N ASP B 88 3.49 -18.66 -4.62
CA ASP B 88 2.87 -19.98 -4.44
C ASP B 88 2.73 -20.58 -5.84
N ASN B 89 3.68 -21.43 -6.23
CA ASN B 89 3.46 -22.21 -7.44
C ASN B 89 2.31 -23.20 -7.21
N ALA B 90 1.83 -23.80 -8.30
CA ALA B 90 0.66 -24.66 -8.28
C ALA B 90 -0.61 -23.82 -8.35
N LYS B 91 -0.78 -22.88 -7.40
CA LYS B 91 -1.82 -21.87 -7.55
C LYS B 91 -1.36 -20.71 -8.44
N ASN B 92 -0.10 -20.68 -8.85
CA ASN B 92 0.42 -19.66 -9.74
C ASN B 92 0.00 -18.27 -9.29
N THR B 93 0.46 -17.91 -8.08
CA THR B 93 0.05 -16.69 -7.42
C THR B 93 1.23 -16.09 -6.66
N MET B 94 1.33 -14.77 -6.70
CA MET B 94 2.37 -14.00 -6.03
C MET B 94 1.74 -13.07 -5.00
N TYR B 95 2.42 -12.90 -3.88
CA TYR B 95 1.92 -12.13 -2.75
C TYR B 95 2.90 -11.03 -2.42
N LEU B 96 2.38 -9.94 -1.86
CA LEU B 96 3.20 -8.89 -1.28
C LEU B 96 2.66 -8.58 0.10
N GLN B 97 3.40 -8.97 1.13
CA GLN B 97 3.07 -8.61 2.50
C GLN B 97 3.67 -7.25 2.80
N MET B 98 2.83 -6.32 3.27
CA MET B 98 3.22 -4.94 3.48
C MET B 98 2.90 -4.56 4.92
N ASN B 99 3.94 -4.32 5.71
CA ASN B 99 3.81 -4.06 7.13
C ASN B 99 4.27 -2.65 7.46
N SER B 100 3.87 -2.19 8.64
CA SER B 100 4.22 -0.85 9.13
C SER B 100 4.09 0.19 8.02
N LEU B 101 2.95 0.16 7.34
CA LEU B 101 2.74 1.04 6.20
C LEU B 101 2.76 2.51 6.64
N LYS B 102 3.23 3.36 5.74
CA LYS B 102 3.27 4.79 5.98
C LYS B 102 2.54 5.52 4.86
N PRO B 103 2.15 6.77 5.09
CA PRO B 103 1.41 7.51 4.04
C PRO B 103 2.16 7.57 2.73
N GLU B 104 3.49 7.62 2.78
CA GLU B 104 4.29 7.58 1.55
C GLU B 104 3.97 6.36 0.70
N ASP B 105 3.45 5.28 1.29
CA ASP B 105 3.13 4.07 0.55
C ASP B 105 1.82 4.18 -0.23
N THR B 106 1.06 5.26 -0.05
CA THR B 106 -0.17 5.42 -0.80
C THR B 106 0.13 5.50 -2.29
N ALA B 107 -0.52 4.64 -3.07
CA ALA B 107 -0.28 4.57 -4.50
C ALA B 107 -1.15 3.45 -5.05
N VAL B 108 -1.23 3.40 -6.38
CA VAL B 108 -1.78 2.25 -7.08
C VAL B 108 -0.66 1.23 -7.25
N TYR B 109 -0.91 -0.01 -6.85
CA TYR B 109 0.08 -1.08 -6.96
C TYR B 109 -0.27 -1.98 -8.13
N TYR B 110 0.72 -2.19 -9.00
CA TYR B 110 0.55 -2.97 -10.21
C TYR B 110 1.41 -4.23 -10.13
N CYS B 111 0.78 -5.39 -10.32
CA CYS B 111 1.50 -6.64 -10.53
CA CYS B 111 1.54 -6.61 -10.52
C CYS B 111 1.93 -6.72 -11.99
N ALA B 112 3.09 -7.34 -12.21
CA ALA B 112 3.69 -7.39 -13.53
C ALA B 112 4.37 -8.72 -13.73
N ALA B 113 4.54 -9.10 -15.00
CA ALA B 113 5.21 -10.34 -15.34
C ALA B 113 6.07 -10.15 -16.57
N ALA B 114 7.17 -10.88 -16.62
CA ALA B 114 8.12 -10.79 -17.71
C ALA B 114 8.75 -12.14 -17.97
N ARG B 115 8.99 -12.43 -19.24
CA ARG B 115 9.79 -13.58 -19.64
C ARG B 115 11.28 -13.25 -19.49
N VAL B 121 16.48 -10.47 -11.83
CA VAL B 121 15.07 -10.30 -11.48
C VAL B 121 14.50 -9.04 -12.14
N VAL B 122 13.24 -9.11 -12.55
CA VAL B 122 12.59 -7.98 -13.19
C VAL B 122 12.68 -6.76 -12.29
N THR B 123 13.25 -5.68 -12.82
CA THR B 123 13.52 -4.48 -12.03
C THR B 123 12.97 -3.19 -12.61
N ARG B 124 12.67 -3.12 -13.90
CA ARG B 124 12.30 -1.86 -14.54
C ARG B 124 11.08 -2.04 -15.42
N ALA B 125 10.24 -1.00 -15.46
CA ALA B 125 8.95 -1.09 -16.14
C ALA B 125 9.12 -1.41 -17.61
N ASP B 126 10.19 -0.95 -18.23
CA ASP B 126 10.40 -1.20 -19.65
C ASP B 126 10.63 -2.66 -19.96
N ASP B 127 11.03 -3.46 -18.97
CA ASP B 127 11.23 -4.89 -19.18
C ASP B 127 9.99 -5.71 -18.86
N VAL B 128 8.90 -5.08 -18.41
CA VAL B 128 7.67 -5.82 -18.12
C VAL B 128 7.00 -6.25 -19.42
N ASP B 129 6.46 -7.46 -19.44
CA ASP B 129 5.75 -7.98 -20.60
C ASP B 129 4.24 -8.00 -20.44
N TYR B 130 3.73 -8.09 -19.21
CA TYR B 130 2.30 -8.10 -18.96
C TYR B 130 2.01 -7.34 -17.68
N TRP B 131 0.93 -6.56 -17.69
CA TRP B 131 0.56 -5.70 -16.59
C TRP B 131 -0.84 -6.02 -16.08
N GLY B 132 -1.00 -6.02 -14.75
CA GLY B 132 -2.31 -5.99 -14.14
C GLY B 132 -2.92 -4.61 -14.22
N LYS B 133 -4.16 -4.52 -13.75
CA LYS B 133 -4.92 -3.26 -13.82
C LYS B 133 -4.58 -2.33 -12.66
N GLY B 134 -4.16 -2.87 -11.53
CA GLY B 134 -3.80 -2.06 -10.39
C GLY B 134 -4.81 -2.16 -9.25
N THR B 135 -4.33 -1.90 -8.05
CA THR B 135 -5.18 -1.87 -6.87
C THR B 135 -4.78 -0.70 -6.00
N GLN B 136 -5.76 0.11 -5.59
CA GLN B 136 -5.48 1.27 -4.76
C GLN B 136 -5.10 0.83 -3.35
N VAL B 137 -3.99 1.35 -2.84
CA VAL B 137 -3.58 1.19 -1.46
C VAL B 137 -3.50 2.59 -0.85
N THR B 138 -4.22 2.81 0.24
CA THR B 138 -4.30 4.12 0.84
C THR B 138 -4.01 4.03 2.33
N VAL B 139 -3.03 4.80 2.79
CA VAL B 139 -2.58 4.76 4.17
C VAL B 139 -2.99 6.07 4.85
N SER B 140 -3.67 5.94 6.00
CA SER B 140 -4.28 7.08 6.68
C SER B 140 -3.27 7.71 7.63
N SER B 141 -3.11 9.04 7.54
CA SER B 141 -2.14 9.85 8.30
C SER B 141 -2.56 11.32 8.33
N GLN C 1 9.53 -42.10 9.93
CA GLN C 1 10.07 -40.95 10.70
C GLN C 1 10.42 -39.78 9.77
N VAL C 2 10.19 -38.56 10.24
CA VAL C 2 10.51 -37.38 9.46
C VAL C 2 12.00 -37.06 9.62
N GLN C 3 12.66 -36.70 8.51
CA GLN C 3 14.07 -36.38 8.53
C GLN C 3 14.36 -35.22 7.58
N LEU C 4 15.34 -34.41 7.98
CA LEU C 4 15.76 -33.22 7.24
C LEU C 4 17.24 -33.38 6.92
N GLN C 5 17.59 -33.32 5.64
CA GLN C 5 18.99 -33.46 5.20
C GLN C 5 19.40 -32.20 4.46
N GLU C 6 20.44 -31.55 4.96
CA GLU C 6 20.90 -30.26 4.47
C GLU C 6 22.10 -30.45 3.54
N SER C 7 22.29 -29.46 2.68
CA SER C 7 23.44 -29.47 1.79
C SER C 7 23.69 -28.05 1.32
N GLY C 8 24.77 -27.88 0.56
CA GLY C 8 25.08 -26.61 -0.06
C GLY C 8 25.95 -25.67 0.75
N GLY C 9 26.46 -26.10 1.90
CA GLY C 9 27.40 -25.28 2.64
C GLY C 9 28.64 -24.99 1.80
N GLY C 10 29.34 -23.92 2.15
CA GLY C 10 30.49 -23.57 1.35
C GLY C 10 31.39 -22.54 2.01
N LEU C 11 32.56 -22.40 1.40
CA LEU C 11 33.55 -21.38 1.78
C LEU C 11 33.72 -20.44 0.60
N VAL C 12 33.35 -19.17 0.78
CA VAL C 12 33.47 -18.16 -0.25
C VAL C 12 34.00 -16.88 0.40
N GLN C 13 34.45 -15.96 -0.47
CA GLN C 13 34.88 -14.64 -0.04
C GLN C 13 33.67 -13.73 0.07
N ALA C 14 33.80 -12.71 0.92
CA ALA C 14 32.74 -11.73 1.12
C ALA C 14 32.24 -11.16 -0.21
N GLY C 15 30.91 -11.07 -0.33
CA GLY C 15 30.28 -10.68 -1.57
C GLY C 15 29.84 -11.83 -2.46
N GLY C 16 30.28 -13.04 -2.16
CA GLY C 16 29.89 -14.18 -2.96
C GLY C 16 28.50 -14.67 -2.61
N SER C 17 28.10 -15.75 -3.29
CA SER C 17 26.80 -16.36 -3.07
C SER C 17 26.93 -17.85 -2.78
N LEU C 18 25.93 -18.37 -2.08
CA LEU C 18 25.74 -19.80 -1.88
C LEU C 18 24.24 -20.07 -1.93
N ARG C 19 23.87 -21.35 -2.01
CA ARG C 19 22.47 -21.76 -1.93
CA ARG C 19 22.47 -21.75 -1.91
C ARG C 19 22.36 -23.02 -1.08
N LEU C 20 21.83 -22.89 0.12
CA LEU C 20 21.61 -24.05 0.97
C LEU C 20 20.32 -24.75 0.57
N SER C 21 20.30 -26.06 0.77
CA SER C 21 19.18 -26.94 0.45
C SER C 21 18.79 -27.72 1.70
N CYS C 22 17.49 -27.96 1.86
CA CYS C 22 16.99 -28.83 2.92
C CYS C 22 15.91 -29.70 2.31
N ALA C 23 16.11 -31.01 2.32
CA ALA C 23 15.17 -31.96 1.75
C ALA C 23 14.42 -32.64 2.88
N ALA C 24 13.10 -32.55 2.87
CA ALA C 24 12.26 -33.13 3.91
C ALA C 24 11.64 -34.42 3.41
N SER C 25 11.62 -35.44 4.28
CA SER C 25 11.10 -36.75 3.94
C SER C 25 10.32 -37.26 5.14
N GLY C 26 9.48 -38.25 4.90
CA GLY C 26 8.62 -38.74 5.94
C GLY C 26 7.36 -37.90 6.07
N GLY C 27 6.63 -38.15 7.15
CA GLY C 27 5.32 -37.56 7.33
C GLY C 27 5.32 -36.11 7.75
N THR C 28 5.59 -35.14 6.84
CA THR C 28 5.54 -33.71 7.17
C THR C 28 4.10 -33.45 7.62
N PHE C 29 3.93 -32.64 8.65
CA PHE C 29 2.70 -32.44 9.39
C PHE C 29 1.78 -31.39 8.79
N LYS C 30 2.09 -30.88 7.60
CA LYS C 30 1.10 -30.15 6.81
C LYS C 30 0.84 -28.69 7.18
N SER C 31 0.75 -28.37 8.46
CA SER C 31 0.58 -26.98 8.87
C SER C 31 1.92 -26.37 9.24
N GLY C 32 1.96 -25.04 9.26
CA GLY C 32 3.20 -24.34 9.56
C GLY C 32 4.13 -24.35 8.37
N GLY C 33 5.39 -24.72 8.61
CA GLY C 33 6.36 -24.80 7.53
C GLY C 33 7.77 -25.13 7.97
N MET C 34 8.75 -24.56 7.28
CA MET C 34 10.16 -24.88 7.50
C MET C 34 10.92 -23.59 7.70
N ALA C 35 12.16 -23.71 8.17
CA ALA C 35 12.92 -22.51 8.43
C ALA C 35 14.38 -22.84 8.47
N TRP C 36 15.20 -21.80 8.34
CA TRP C 36 16.64 -21.87 8.58
C TRP C 36 17.01 -21.06 9.82
N PHE C 37 17.75 -21.70 10.72
CA PHE C 37 18.36 -21.06 11.88
C PHE C 37 19.87 -21.12 11.69
N ARG C 38 20.60 -20.30 12.44
CA ARG C 38 22.05 -20.39 12.36
C ARG C 38 22.68 -20.17 13.72
N GLN C 39 23.82 -20.80 13.93
CA GLN C 39 24.63 -20.62 15.13
C GLN C 39 25.92 -19.97 14.67
N ALA C 40 26.01 -18.65 14.80
CA ALA C 40 27.25 -17.96 14.47
C ALA C 40 28.25 -18.11 15.62
N GLY C 41 29.44 -17.56 15.43
CA GLY C 41 30.40 -17.45 16.51
C GLY C 41 29.84 -16.62 17.66
N TYR C 42 30.47 -16.76 18.83
CA TYR C 42 29.93 -16.15 20.04
C TYR C 42 30.58 -14.80 20.31
N ILE C 43 29.92 -14.04 21.16
CA ILE C 43 30.19 -12.62 21.36
C ILE C 43 31.10 -12.46 22.56
N ASP C 44 32.18 -11.68 22.38
CA ASP C 44 33.06 -11.29 23.47
C ASP C 44 32.34 -10.28 24.35
N THR C 45 31.49 -10.80 25.24
CA THR C 45 30.58 -9.96 26.01
C THR C 45 31.33 -8.93 26.86
N ASN C 46 32.22 -9.40 27.74
CA ASN C 46 32.90 -8.50 28.66
C ASN C 46 34.09 -7.78 28.03
N ASN C 47 34.38 -8.04 26.75
CA ASN C 47 35.39 -7.28 26.01
C ASN C 47 36.80 -7.51 26.58
N ASP C 48 37.18 -8.78 26.73
CA ASP C 48 38.54 -9.12 27.13
C ASP C 48 39.30 -9.87 26.03
N GLY C 49 38.75 -9.91 24.82
CA GLY C 49 39.42 -10.55 23.70
C GLY C 49 39.35 -12.06 23.70
N TRP C 50 38.73 -12.66 24.71
CA TRP C 50 38.60 -14.09 24.84
C TRP C 50 37.15 -14.50 24.65
N ILE C 51 36.93 -15.80 24.52
CA ILE C 51 35.59 -16.38 24.58
C ILE C 51 35.58 -17.40 25.71
N GLU C 52 34.74 -17.16 26.70
CA GLU C 52 34.70 -17.97 27.92
C GLU C 52 33.43 -17.62 28.66
N GLY C 53 33.12 -18.44 29.68
CA GLY C 53 32.12 -18.07 30.67
C GLY C 53 30.72 -18.12 30.10
N ASP C 54 29.95 -17.07 30.39
CA ASP C 54 28.57 -16.99 29.91
C ASP C 54 28.49 -16.83 28.41
N GLU C 55 29.62 -16.62 27.74
CA GLU C 55 29.67 -16.47 26.29
C GLU C 55 29.76 -17.80 25.57
N LEU C 56 29.53 -18.91 26.26
CA LEU C 56 29.76 -20.23 25.70
C LEU C 56 28.49 -21.01 25.38
N TYR C 57 27.48 -20.98 26.25
CA TYR C 57 26.24 -21.69 25.93
C TYR C 57 25.56 -20.99 24.75
N LYS C 58 25.13 -21.77 23.77
CA LYS C 58 24.79 -21.30 22.44
C LYS C 58 23.28 -21.28 22.22
N ALA C 59 22.84 -20.35 21.39
CA ALA C 59 21.43 -20.24 21.00
C ALA C 59 21.34 -20.01 19.50
N ARG C 60 20.42 -20.72 18.85
CA ARG C 60 20.26 -20.66 17.40
C ARG C 60 19.34 -19.51 17.01
N GLU C 61 19.78 -18.70 16.07
CA GLU C 61 19.05 -17.51 15.66
C GLU C 61 18.25 -17.79 14.40
N PHE C 62 16.99 -17.36 14.38
CA PHE C 62 16.18 -17.47 13.18
C PHE C 62 16.77 -16.62 12.06
N ALA C 63 16.75 -17.15 10.84
CA ALA C 63 17.23 -16.43 9.66
C ALA C 63 16.12 -16.22 8.64
N ALA C 64 15.38 -17.27 8.30
CA ALA C 64 14.27 -17.16 7.36
C ALA C 64 13.33 -18.32 7.58
N GLY C 65 12.07 -18.13 7.19
CA GLY C 65 11.07 -19.18 7.32
C GLY C 65 10.07 -19.07 6.18
N ILE C 66 9.39 -20.18 5.92
CA ILE C 66 8.51 -20.30 4.75
C ILE C 66 7.41 -21.30 5.05
N SER C 67 6.21 -20.98 4.59
CA SER C 67 5.10 -21.91 4.66
C SER C 67 5.30 -23.05 3.69
N TRP C 68 4.61 -24.15 3.94
CA TRP C 68 4.73 -25.32 3.08
C TRP C 68 4.41 -24.98 1.63
N SER C 69 3.45 -24.08 1.40
CA SER C 69 3.12 -23.72 0.01
C SER C 69 4.18 -22.82 -0.61
N GLY C 70 4.92 -22.07 0.22
CA GLY C 70 5.81 -21.04 -0.25
C GLY C 70 5.18 -19.66 -0.31
N GLY C 71 3.88 -19.55 -0.08
CA GLY C 71 3.20 -18.28 -0.23
C GLY C 71 3.49 -17.28 0.86
N SER C 72 4.01 -17.73 2.01
CA SER C 72 4.31 -16.83 3.13
C SER C 72 5.76 -17.05 3.53
N THR C 73 6.54 -15.97 3.55
CA THR C 73 7.95 -16.02 3.93
C THR C 73 8.21 -14.92 4.94
N ASP C 74 9.28 -15.09 5.71
CA ASP C 74 9.63 -14.17 6.79
C ASP C 74 11.14 -14.23 6.94
N TYR C 75 11.76 -13.07 7.24
CA TYR C 75 13.22 -12.96 7.29
C TYR C 75 13.68 -12.20 8.53
N GLU C 76 14.80 -12.66 9.09
CA GLU C 76 15.59 -11.83 9.99
C GLU C 76 16.08 -10.59 9.22
N ASP C 77 15.96 -9.40 9.82
CA ASP C 77 16.18 -8.19 9.05
C ASP C 77 17.63 -7.99 8.63
N SER C 78 18.60 -8.55 9.36
CA SER C 78 19.99 -8.42 8.89
C SER C 78 20.27 -9.22 7.62
N VAL C 79 19.35 -10.07 7.17
CA VAL C 79 19.54 -10.81 5.92
C VAL C 79 18.49 -10.52 4.88
N LYS C 80 17.45 -9.76 5.23
CA LYS C 80 16.44 -9.34 4.26
C LYS C 80 17.09 -8.63 3.08
N GLY C 81 16.67 -9.02 1.87
CA GLY C 81 17.19 -8.43 0.67
C GLY C 81 18.47 -9.03 0.17
N ARG C 82 19.13 -9.84 0.99
CA ARG C 82 20.31 -10.58 0.57
C ARG C 82 20.04 -12.08 0.44
N PHE C 83 19.18 -12.60 1.30
CA PHE C 83 18.82 -14.01 1.32
C PHE C 83 17.39 -14.16 0.82
N THR C 84 17.13 -15.23 0.08
CA THR C 84 15.79 -15.57 -0.37
C THR C 84 15.49 -17.00 0.02
N ILE C 85 14.38 -17.22 0.73
CA ILE C 85 13.94 -18.56 1.08
C ILE C 85 12.84 -18.99 0.13
N SER C 86 12.94 -20.22 -0.39
CA SER C 86 11.94 -20.71 -1.32
C SER C 86 11.69 -22.20 -1.10
N ARG C 87 10.59 -22.68 -1.69
CA ARG C 87 10.24 -24.09 -1.58
C ARG C 87 9.88 -24.64 -2.94
N ASP C 88 10.33 -25.87 -3.20
CA ASP C 88 9.82 -26.67 -4.30
C ASP C 88 8.94 -27.73 -3.64
N ASN C 89 7.67 -27.35 -3.42
CA ASN C 89 6.72 -28.22 -2.72
C ASN C 89 6.72 -29.62 -3.31
N ALA C 90 6.91 -29.75 -4.62
CA ALA C 90 6.99 -31.06 -5.25
C ALA C 90 8.02 -31.93 -4.56
N LYS C 91 9.28 -31.47 -4.55
CA LYS C 91 10.38 -32.23 -3.96
C LYS C 91 10.48 -32.08 -2.44
N ASN C 92 9.46 -31.52 -1.80
CA ASN C 92 9.48 -31.22 -0.37
C ASN C 92 10.82 -30.64 0.05
N THR C 93 11.37 -29.75 -0.78
CA THR C 93 12.70 -29.20 -0.60
C THR C 93 12.65 -27.70 -0.46
N MET C 94 13.35 -27.17 0.53
CA MET C 94 13.45 -25.75 0.81
C MET C 94 14.87 -25.29 0.54
N TYR C 95 15.00 -24.08 -0.01
CA TYR C 95 16.27 -23.51 -0.40
C TYR C 95 16.49 -22.19 0.32
N LEU C 96 17.75 -21.85 0.58
CA LEU C 96 18.13 -20.53 1.02
C LEU C 96 19.22 -19.99 0.09
N GLN C 97 18.82 -19.14 -0.85
CA GLN C 97 19.76 -18.42 -1.71
C GLN C 97 20.40 -17.31 -0.90
N MET C 98 21.72 -17.30 -0.84
CA MET C 98 22.42 -16.32 -0.01
C MET C 98 23.31 -15.48 -0.91
N ASN C 99 22.94 -14.22 -1.13
CA ASN C 99 23.75 -13.32 -1.92
C ASN C 99 24.42 -12.29 -1.02
N SER C 100 25.47 -11.65 -1.56
CA SER C 100 26.21 -10.61 -0.88
C SER C 100 26.63 -11.02 0.53
N LEU C 101 27.24 -12.20 0.61
CA LEU C 101 27.61 -12.77 1.89
C LEU C 101 28.62 -11.87 2.60
N LYS C 102 28.54 -11.87 3.92
CA LYS C 102 29.40 -11.08 4.79
C LYS C 102 30.09 -12.00 5.79
N PRO C 103 31.26 -11.60 6.31
CA PRO C 103 31.92 -12.46 7.30
C PRO C 103 31.02 -12.86 8.44
N GLU C 104 30.14 -11.95 8.88
CA GLU C 104 29.24 -12.24 9.99
C GLU C 104 28.25 -13.35 9.67
N ASP C 105 28.07 -13.68 8.40
CA ASP C 105 27.22 -14.80 8.02
C ASP C 105 27.84 -16.15 8.27
N THR C 106 29.12 -16.19 8.65
CA THR C 106 29.76 -17.46 8.96
C THR C 106 29.03 -18.14 10.11
N ALA C 107 28.61 -19.39 9.90
CA ALA C 107 27.85 -20.09 10.92
C ALA C 107 27.53 -21.50 10.46
N VAL C 108 27.10 -22.32 11.41
CA VAL C 108 26.44 -23.58 11.09
C VAL C 108 24.97 -23.27 10.87
N TYR C 109 24.46 -23.61 9.69
CA TYR C 109 23.08 -23.35 9.33
C TYR C 109 22.31 -24.63 9.53
N TYR C 110 21.19 -24.54 10.23
CA TYR C 110 20.35 -25.67 10.55
C TYR C 110 18.97 -25.47 9.93
N CYS C 111 18.51 -26.47 9.18
CA CYS C 111 17.15 -26.51 8.67
CA CYS C 111 17.14 -26.41 8.71
C CYS C 111 16.22 -27.05 9.74
N ALA C 112 14.97 -26.59 9.73
CA ALA C 112 14.01 -26.92 10.76
C ALA C 112 12.63 -27.06 10.15
N ALA C 113 11.84 -27.98 10.69
CA ALA C 113 10.42 -28.09 10.38
C ALA C 113 9.61 -27.71 11.63
N ALA C 114 8.65 -26.80 11.47
CA ALA C 114 7.92 -26.26 12.62
C ALA C 114 6.45 -26.11 12.28
N ARG C 115 5.60 -26.86 12.98
CA ARG C 115 4.15 -26.78 12.77
C ARG C 115 3.56 -25.46 13.24
N ARG C 116 4.32 -24.65 13.99
CA ARG C 116 3.82 -23.42 14.59
C ARG C 116 4.32 -22.17 13.86
N PHE C 117 4.98 -22.32 12.71
CA PHE C 117 5.47 -21.16 12.00
C PHE C 117 4.33 -20.33 11.43
N ARG C 118 4.49 -19.00 11.49
CA ARG C 118 3.63 -18.10 10.75
C ARG C 118 4.38 -16.79 10.49
N ALA C 119 4.23 -16.25 9.29
CA ALA C 119 4.91 -14.99 8.96
C ALA C 119 4.43 -13.88 9.88
N GLY C 120 5.36 -12.96 10.18
CA GLY C 120 5.06 -11.83 11.04
C GLY C 120 5.21 -12.11 12.52
N VAL C 121 5.18 -13.37 12.93
CA VAL C 121 5.41 -13.77 14.32
C VAL C 121 6.76 -14.44 14.41
N VAL C 122 7.55 -14.06 15.43
CA VAL C 122 8.89 -14.60 15.56
C VAL C 122 8.82 -16.11 15.73
N THR C 123 9.67 -16.83 14.99
CA THR C 123 9.72 -18.28 15.07
C THR C 123 10.78 -18.68 16.07
N ARG C 124 10.37 -19.39 17.12
CA ARG C 124 11.28 -19.77 18.19
C ARG C 124 11.95 -21.11 17.89
N ALA C 125 13.24 -21.19 18.20
CA ALA C 125 13.95 -22.45 18.10
C ALA C 125 13.38 -23.49 19.07
N ASP C 126 12.90 -23.05 20.24
CA ASP C 126 12.36 -23.99 21.21
C ASP C 126 11.08 -24.64 20.72
N ASP C 127 10.38 -24.00 19.77
CA ASP C 127 9.13 -24.53 19.23
C ASP C 127 9.32 -25.40 18.00
N VAL C 128 10.55 -25.58 17.52
CA VAL C 128 10.77 -26.37 16.32
C VAL C 128 10.52 -27.84 16.62
N ASP C 129 9.93 -28.55 15.65
CA ASP C 129 9.61 -29.96 15.80
C ASP C 129 10.73 -30.89 15.34
N TYR C 130 11.37 -30.60 14.22
CA TYR C 130 12.49 -31.39 13.73
C TYR C 130 13.63 -30.49 13.27
N TRP C 131 14.85 -30.97 13.48
CA TRP C 131 16.07 -30.24 13.11
C TRP C 131 16.92 -31.09 12.17
N GLY C 132 17.56 -30.43 11.21
CA GLY C 132 18.65 -31.02 10.48
C GLY C 132 19.88 -31.02 11.36
N LYS C 133 20.98 -31.56 10.83
CA LYS C 133 22.20 -31.67 11.63
C LYS C 133 23.18 -30.52 11.39
N GLY C 134 22.86 -29.62 10.46
CA GLY C 134 23.66 -28.43 10.27
C GLY C 134 24.68 -28.52 9.16
N THR C 135 24.89 -27.42 8.45
CA THR C 135 25.91 -27.33 7.42
CA THR C 135 25.93 -27.34 7.44
C THR C 135 26.71 -26.05 7.65
N GLN C 136 28.01 -26.13 7.42
CA GLN C 136 28.88 -25.00 7.66
C GLN C 136 28.89 -24.06 6.46
N VAL C 137 28.79 -22.77 6.75
CA VAL C 137 29.02 -21.69 5.81
C VAL C 137 30.16 -20.85 6.37
N THR C 138 31.18 -20.59 5.56
CA THR C 138 32.28 -19.72 5.96
C THR C 138 32.46 -18.63 4.91
N VAL C 139 32.48 -17.37 5.36
CA VAL C 139 32.67 -16.22 4.50
C VAL C 139 33.97 -15.54 4.91
N SER C 140 34.95 -15.57 4.02
CA SER C 140 36.23 -14.91 4.28
C SER C 140 36.13 -13.40 4.07
N SER C 141 36.75 -12.65 4.98
CA SER C 141 36.75 -11.20 4.90
C SER C 141 37.55 -10.73 3.69
N VAL D 2 -36.89 -4.72 8.53
CA VAL D 2 -36.54 -3.42 9.09
C VAL D 2 -37.34 -2.32 8.39
N GLN D 3 -37.63 -1.25 9.12
CA GLN D 3 -38.29 -0.07 8.58
C GLN D 3 -37.38 1.13 8.77
N LEU D 4 -37.19 1.90 7.71
CA LEU D 4 -36.30 3.06 7.70
C LEU D 4 -37.11 4.33 7.51
N GLN D 5 -36.83 5.35 8.30
CA GLN D 5 -37.51 6.64 8.15
C GLN D 5 -36.49 7.77 8.19
N GLU D 6 -36.48 8.58 7.14
CA GLU D 6 -35.57 9.69 6.98
C GLU D 6 -36.11 10.95 7.64
N SER D 7 -35.19 11.86 7.95
CA SER D 7 -35.55 13.20 8.39
C SER D 7 -34.40 14.12 8.02
N GLY D 8 -34.63 15.42 8.22
CA GLY D 8 -33.58 16.41 8.01
C GLY D 8 -33.54 17.03 6.63
N GLY D 9 -34.45 16.64 5.73
CA GLY D 9 -34.50 17.28 4.45
C GLY D 9 -34.91 18.73 4.56
N GLY D 10 -34.81 19.43 3.44
CA GLY D 10 -35.32 20.78 3.40
C GLY D 10 -34.88 21.52 2.16
N LEU D 11 -34.99 22.82 2.28
CA LEU D 11 -34.74 23.76 1.22
C LEU D 11 -33.67 24.71 1.72
N VAL D 12 -32.58 24.84 0.97
CA VAL D 12 -31.39 25.51 1.48
C VAL D 12 -30.72 26.33 0.38
N GLN D 13 -30.17 27.47 0.77
CA GLN D 13 -29.38 28.27 -0.15
C GLN D 13 -28.10 27.54 -0.50
N ALA D 14 -27.69 27.66 -1.76
CA ALA D 14 -26.43 27.10 -2.21
C ALA D 14 -25.29 27.57 -1.32
N GLY D 15 -24.40 26.65 -0.96
CA GLY D 15 -23.36 26.90 0.00
C GLY D 15 -23.70 26.49 1.40
N GLY D 16 -24.98 26.30 1.69
CA GLY D 16 -25.42 25.90 3.01
C GLY D 16 -25.20 24.42 3.28
N SER D 17 -25.75 23.99 4.43
CA SER D 17 -25.61 22.63 4.89
C SER D 17 -26.95 22.09 5.36
N LEU D 18 -27.04 20.77 5.34
CA LEU D 18 -28.13 20.00 5.93
C LEU D 18 -27.49 18.82 6.61
N ARG D 19 -28.25 18.17 7.49
CA ARG D 19 -27.90 16.86 8.01
C ARG D 19 -29.11 15.95 7.88
N LEU D 20 -28.98 14.90 7.07
CA LEU D 20 -30.02 13.89 6.96
C LEU D 20 -29.84 12.82 8.02
N SER D 21 -30.96 12.37 8.59
CA SER D 21 -30.94 11.33 9.62
C SER D 21 -31.80 10.16 9.19
N CYS D 22 -31.35 8.96 9.54
CA CYS D 22 -32.04 7.72 9.25
C CYS D 22 -32.19 6.93 10.53
N ALA D 23 -33.43 6.58 10.88
CA ALA D 23 -33.72 5.73 12.02
C ALA D 23 -34.30 4.42 11.52
N ALA D 24 -33.73 3.31 11.96
CA ALA D 24 -34.23 1.99 11.60
C ALA D 24 -34.96 1.37 12.79
N SER D 25 -35.70 0.31 12.54
CA SER D 25 -36.29 -0.48 13.65
C SER D 25 -35.15 -0.91 14.57
N GLY D 26 -34.00 -1.30 14.01
CA GLY D 26 -32.87 -1.78 14.81
C GLY D 26 -31.58 -0.99 14.68
N GLY D 27 -30.87 -1.08 13.57
CA GLY D 27 -29.55 -0.44 13.47
C GLY D 27 -29.54 0.89 12.76
N LYS D 30 -29.12 -4.68 14.05
CA LYS D 30 -30.04 -5.47 13.22
C LYS D 30 -29.79 -5.12 11.75
N SER D 31 -29.55 -3.87 11.42
CA SER D 31 -29.16 -3.54 10.07
C SER D 31 -27.66 -3.78 9.90
N GLY D 32 -27.26 -4.16 8.69
CA GLY D 32 -25.86 -4.31 8.37
C GLY D 32 -25.25 -3.03 7.85
N GLY D 33 -24.65 -3.08 6.65
CA GLY D 33 -24.19 -1.87 6.01
C GLY D 33 -25.37 -0.99 5.62
N MET D 34 -25.11 0.31 5.52
CA MET D 34 -26.16 1.29 5.21
C MET D 34 -25.63 2.35 4.26
N ALA D 35 -26.55 3.07 3.62
CA ALA D 35 -26.11 4.04 2.62
C ALA D 35 -27.20 5.08 2.40
N TRP D 36 -26.81 6.18 1.77
CA TRP D 36 -27.73 7.17 1.25
C TRP D 36 -27.64 7.14 -0.27
N PHE D 37 -28.79 7.03 -0.92
CA PHE D 37 -28.95 7.15 -2.37
C PHE D 37 -29.76 8.40 -2.66
N ARG D 38 -29.74 8.84 -3.93
CA ARG D 38 -30.51 10.02 -4.29
C ARG D 38 -31.00 9.94 -5.72
N GLN D 39 -32.18 10.50 -5.94
CA GLN D 39 -32.79 10.59 -7.27
C GLN D 39 -32.97 12.06 -7.60
N ALA D 40 -32.06 12.59 -8.41
CA ALA D 40 -32.16 13.97 -8.90
C ALA D 40 -33.10 14.11 -10.08
N GLY D 41 -33.54 13.03 -10.69
CA GLY D 41 -34.53 13.09 -11.76
C GLY D 41 -34.13 12.17 -12.90
N TYR D 42 -35.14 11.80 -13.69
CA TYR D 42 -34.91 10.99 -14.88
C TYR D 42 -34.22 11.80 -15.96
N ILE D 43 -33.42 11.12 -16.77
CA ILE D 43 -32.63 11.76 -17.82
C ILE D 43 -33.26 11.46 -19.16
N ASP D 44 -33.26 12.47 -20.04
CA ASP D 44 -33.82 12.36 -21.39
C ASP D 44 -32.75 11.74 -22.31
N THR D 45 -32.58 10.41 -22.18
CA THR D 45 -31.44 9.73 -22.78
C THR D 45 -31.45 9.77 -24.30
N ASN D 46 -32.64 9.75 -24.91
CA ASN D 46 -32.74 9.81 -26.37
C ASN D 46 -33.03 11.23 -26.88
N ASN D 47 -32.95 12.24 -26.01
CA ASN D 47 -32.87 13.65 -26.41
C ASN D 47 -34.06 14.13 -27.24
N ASP D 48 -35.23 13.53 -27.04
CA ASP D 48 -36.42 13.98 -27.76
C ASP D 48 -37.26 14.96 -26.93
N GLY D 49 -36.81 15.35 -25.74
CA GLY D 49 -37.53 16.32 -24.93
C GLY D 49 -38.58 15.74 -24.01
N TRP D 50 -39.03 14.52 -24.26
CA TRP D 50 -39.93 13.81 -23.37
C TRP D 50 -39.14 12.92 -22.42
N ILE D 51 -39.80 12.49 -21.35
CA ILE D 51 -39.32 11.37 -20.53
C ILE D 51 -40.27 10.20 -20.80
N GLU D 52 -39.71 9.07 -21.26
CA GLU D 52 -40.55 7.92 -21.62
C GLU D 52 -39.74 6.63 -21.63
N GLY D 53 -40.48 5.52 -21.62
CA GLY D 53 -39.86 4.22 -21.81
C GLY D 53 -38.86 3.90 -20.72
N ASP D 54 -37.70 3.37 -21.11
CA ASP D 54 -36.70 2.96 -20.14
C ASP D 54 -36.12 4.15 -19.39
N GLU D 55 -36.26 5.36 -19.92
CA GLU D 55 -35.74 6.53 -19.22
C GLU D 55 -36.36 6.68 -17.84
N LEU D 56 -37.54 6.12 -17.63
CA LEU D 56 -38.21 6.19 -16.34
C LEU D 56 -37.66 5.18 -15.34
N TYR D 57 -36.78 4.27 -15.77
CA TYR D 57 -36.24 3.24 -14.92
C TYR D 57 -34.96 3.66 -14.18
N LYS D 58 -34.45 4.86 -14.43
CA LYS D 58 -33.10 5.20 -14.01
C LYS D 58 -32.91 4.91 -12.52
N ALA D 59 -31.84 4.21 -12.20
CA ALA D 59 -31.62 3.80 -10.82
C ALA D 59 -31.28 5.00 -9.94
N ARG D 60 -31.62 4.89 -8.65
CA ARG D 60 -31.16 5.86 -7.67
C ARG D 60 -29.64 5.82 -7.58
N GLU D 61 -29.03 7.00 -7.49
CA GLU D 61 -27.58 7.12 -7.50
C GLU D 61 -27.02 7.01 -6.09
N PHE D 62 -25.95 6.24 -5.93
CA PHE D 62 -25.27 6.14 -4.64
C PHE D 62 -24.67 7.49 -4.27
N ALA D 63 -24.84 7.87 -3.01
CA ALA D 63 -24.23 9.09 -2.48
C ALA D 63 -23.15 8.80 -1.44
N ALA D 64 -23.46 7.98 -0.44
CA ALA D 64 -22.50 7.68 0.62
C ALA D 64 -22.93 6.41 1.32
N GLY D 65 -21.95 5.67 1.85
CA GLY D 65 -22.24 4.39 2.47
C GLY D 65 -21.28 4.13 3.62
N ILE D 66 -21.69 3.22 4.51
CA ILE D 66 -21.00 3.05 5.78
C ILE D 66 -21.17 1.63 6.31
N SER D 67 -20.07 1.10 6.82
CA SER D 67 -20.02 -0.22 7.40
C SER D 67 -20.91 -0.33 8.64
N TRP D 68 -21.28 -1.57 8.95
CA TRP D 68 -22.01 -1.84 10.19
C TRP D 68 -21.33 -1.15 11.37
N SER D 69 -20.03 -1.34 11.51
CA SER D 69 -19.29 -0.78 12.64
C SER D 69 -18.99 0.70 12.47
N GLY D 70 -19.06 1.22 11.24
CA GLY D 70 -18.67 2.58 10.98
C GLY D 70 -17.20 2.78 10.68
N GLY D 71 -16.41 1.71 10.69
CA GLY D 71 -15.00 1.81 10.38
C GLY D 71 -14.64 1.90 8.92
N SER D 72 -15.63 1.82 8.01
CA SER D 72 -15.37 1.91 6.57
C SER D 72 -16.50 2.70 5.94
N THR D 73 -16.15 3.64 5.06
CA THR D 73 -17.12 4.48 4.37
C THR D 73 -16.71 4.60 2.91
N ASP D 74 -17.66 5.01 2.08
CA ASP D 74 -17.40 5.29 0.69
C ASP D 74 -18.32 6.43 0.26
N TYR D 75 -17.89 7.17 -0.75
CA TYR D 75 -18.63 8.32 -1.24
C TYR D 75 -18.61 8.39 -2.76
N GLU D 76 -19.72 8.83 -3.34
CA GLU D 76 -19.76 9.36 -4.71
C GLU D 76 -18.70 10.44 -4.86
N ASP D 77 -17.91 10.38 -5.93
CA ASP D 77 -16.75 11.27 -5.95
C ASP D 77 -17.17 12.74 -5.97
N SER D 78 -18.27 13.08 -6.61
CA SER D 78 -18.72 14.47 -6.63
C SER D 78 -19.25 14.97 -5.29
N VAL D 79 -19.29 14.14 -4.24
CA VAL D 79 -19.63 14.60 -2.90
C VAL D 79 -18.48 14.45 -1.91
N LYS D 80 -17.36 13.83 -2.32
CA LYS D 80 -16.27 13.66 -1.36
C LYS D 80 -15.73 15.00 -0.90
N GLY D 81 -15.41 15.10 0.39
CA GLY D 81 -14.96 16.35 0.95
C GLY D 81 -16.06 17.32 1.33
N ARG D 82 -17.28 17.09 0.85
CA ARG D 82 -18.43 17.90 1.21
C ARG D 82 -19.41 17.16 2.10
N PHE D 83 -19.58 15.85 1.89
CA PHE D 83 -20.50 15.04 2.66
C PHE D 83 -19.71 14.16 3.63
N THR D 84 -20.32 13.87 4.79
CA THR D 84 -19.75 12.92 5.75
C THR D 84 -20.85 12.02 6.30
N ILE D 85 -20.68 10.71 6.17
CA ILE D 85 -21.65 9.74 6.66
C ILE D 85 -21.18 9.19 7.99
N SER D 86 -22.10 9.05 8.94
CA SER D 86 -21.77 8.54 10.26
CA SER D 86 -21.79 8.58 10.28
C SER D 86 -22.92 7.69 10.79
N ARG D 87 -22.60 6.90 11.81
CA ARG D 87 -23.49 5.85 12.32
C ARG D 87 -23.34 5.73 13.84
N ASP D 88 -24.46 5.84 14.56
CA ASP D 88 -24.51 5.70 16.02
C ASP D 88 -25.40 4.50 16.36
N ASN D 89 -24.82 3.31 16.33
CA ASN D 89 -25.60 2.09 16.48
C ASN D 89 -26.30 2.02 17.82
N ALA D 90 -25.74 2.67 18.85
CA ALA D 90 -26.40 2.71 20.15
C ALA D 90 -27.74 3.44 20.06
N LYS D 91 -27.73 4.67 19.53
CA LYS D 91 -28.94 5.45 19.34
C LYS D 91 -29.75 5.02 18.12
N ASN D 92 -29.35 3.98 17.40
CA ASN D 92 -30.14 3.54 16.26
C ASN D 92 -30.30 4.68 15.25
N THR D 93 -29.16 5.26 14.85
CA THR D 93 -29.26 6.33 13.85
C THR D 93 -28.06 6.37 12.92
N MET D 94 -28.30 6.72 11.65
CA MET D 94 -27.26 6.92 10.65
C MET D 94 -27.49 8.31 10.06
N TYR D 95 -26.40 9.06 9.85
CA TYR D 95 -26.50 10.47 9.50
C TYR D 95 -25.71 10.78 8.24
N LEU D 96 -26.17 11.80 7.50
CA LEU D 96 -25.39 12.38 6.40
C LEU D 96 -25.28 13.89 6.58
N GLN D 97 -24.09 14.33 7.03
CA GLN D 97 -23.77 15.76 7.05
C GLN D 97 -23.44 16.20 5.63
N MET D 98 -24.17 17.21 5.13
CA MET D 98 -23.99 17.72 3.78
C MET D 98 -23.62 19.19 3.82
N ASN D 99 -22.34 19.49 3.53
CA ASN D 99 -21.86 20.87 3.46
C ASN D 99 -21.67 21.32 2.03
N SER D 100 -21.56 22.64 1.88
CA SER D 100 -21.25 23.30 0.60
C SER D 100 -22.18 22.83 -0.50
N LEU D 101 -23.48 22.85 -0.20
CA LEU D 101 -24.45 22.26 -1.11
C LEU D 101 -24.50 23.04 -2.41
N LYS D 102 -24.72 22.31 -3.50
CA LYS D 102 -24.83 22.80 -4.86
C LYS D 102 -26.20 22.49 -5.42
N PRO D 103 -26.68 23.28 -6.40
CA PRO D 103 -27.95 22.94 -7.04
C PRO D 103 -28.00 21.51 -7.57
N GLU D 104 -26.90 21.00 -8.09
CA GLU D 104 -26.87 19.63 -8.58
C GLU D 104 -27.15 18.61 -7.47
N ASP D 105 -27.01 19.01 -6.21
CA ASP D 105 -27.35 18.14 -5.09
C ASP D 105 -28.85 18.02 -4.85
N THR D 106 -29.68 18.80 -5.54
CA THR D 106 -31.12 18.69 -5.35
C THR D 106 -31.60 17.29 -5.74
N ALA D 107 -32.35 16.65 -4.86
CA ALA D 107 -32.82 15.29 -5.11
C ALA D 107 -33.72 14.83 -3.98
N VAL D 108 -34.38 13.71 -4.21
CA VAL D 108 -34.99 12.94 -3.15
C VAL D 108 -33.91 12.00 -2.61
N TYR D 109 -33.62 12.10 -1.31
CA TYR D 109 -32.59 11.28 -0.70
C TYR D 109 -33.25 10.11 0.02
N TYR D 110 -32.69 8.92 -0.16
CA TYR D 110 -33.24 7.67 0.36
C TYR D 110 -32.22 7.00 1.24
N CYS D 111 -32.62 6.67 2.47
CA CYS D 111 -31.86 5.80 3.34
C CYS D 111 -32.00 4.35 2.89
N ALA D 112 -30.89 3.61 2.96
CA ALA D 112 -30.81 2.22 2.51
C ALA D 112 -30.03 1.39 3.52
N ALA D 113 -30.41 0.11 3.61
CA ALA D 113 -29.74 -0.80 4.53
C ALA D 113 -29.71 -2.20 3.94
N ALA D 114 -28.66 -2.93 4.28
CA ALA D 114 -28.55 -4.35 4.00
C ALA D 114 -28.86 -5.14 5.27
N ARG D 115 -29.15 -6.42 5.08
CA ARG D 115 -29.39 -7.33 6.20
C ARG D 115 -28.18 -7.38 7.14
N ARG D 116 -28.45 -7.81 8.38
CA ARG D 116 -27.52 -7.58 9.49
C ARG D 116 -26.11 -8.07 9.21
N PHE D 117 -25.99 -9.19 8.49
CA PHE D 117 -24.70 -9.86 8.31
C PHE D 117 -24.05 -9.59 6.96
N ARG D 118 -24.61 -8.68 6.15
CA ARG D 118 -23.86 -8.08 5.06
C ARG D 118 -23.39 -6.72 5.58
N ALA D 119 -22.35 -6.76 6.41
CA ALA D 119 -21.90 -5.64 7.21
C ALA D 119 -21.02 -4.66 6.45
N GLY D 120 -20.63 -4.99 5.21
CA GLY D 120 -19.76 -4.12 4.45
C GLY D 120 -20.44 -2.82 4.08
N VAL D 121 -19.72 -2.01 3.32
CA VAL D 121 -20.28 -0.77 2.80
C VAL D 121 -21.21 -1.09 1.64
N VAL D 122 -22.43 -0.54 1.69
CA VAL D 122 -23.38 -0.71 0.60
C VAL D 122 -23.13 0.37 -0.43
N THR D 123 -22.93 -0.05 -1.69
CA THR D 123 -22.58 0.87 -2.77
C THR D 123 -23.51 0.78 -3.97
N ARG D 124 -24.32 -0.26 -4.10
CA ARG D 124 -25.15 -0.49 -5.28
C ARG D 124 -26.60 -0.71 -4.84
N ALA D 125 -27.53 -0.21 -5.66
CA ALA D 125 -28.94 -0.35 -5.34
C ALA D 125 -29.36 -1.81 -5.28
N ASP D 126 -28.82 -2.64 -6.20
CA ASP D 126 -29.19 -4.05 -6.21
C ASP D 126 -28.87 -4.74 -4.89
N ASP D 127 -27.83 -4.27 -4.19
CA ASP D 127 -27.41 -4.85 -2.93
C ASP D 127 -28.16 -4.28 -1.73
N VAL D 128 -29.17 -3.43 -1.94
CA VAL D 128 -29.96 -2.88 -0.84
C VAL D 128 -31.07 -3.86 -0.50
N ASP D 129 -31.26 -4.09 0.80
CA ASP D 129 -32.35 -4.94 1.27
C ASP D 129 -33.60 -4.15 1.62
N TYR D 130 -33.44 -3.01 2.29
CA TYR D 130 -34.56 -2.22 2.78
C TYR D 130 -34.34 -0.74 2.46
N TRP D 131 -35.43 -0.06 2.11
CA TRP D 131 -35.39 1.33 1.67
C TRP D 131 -36.28 2.21 2.53
N GLY D 132 -35.82 3.43 2.79
CA GLY D 132 -36.70 4.46 3.30
C GLY D 132 -37.60 4.97 2.18
N LYS D 133 -38.56 5.78 2.55
CA LYS D 133 -39.49 6.33 1.57
C LYS D 133 -38.97 7.62 0.92
N GLY D 134 -37.88 8.18 1.41
CA GLY D 134 -37.27 9.32 0.74
C GLY D 134 -37.62 10.65 1.40
N THR D 135 -36.68 11.60 1.30
CA THR D 135 -36.81 12.95 1.87
C THR D 135 -36.28 13.95 0.85
N GLN D 136 -37.02 15.05 0.65
CA GLN D 136 -36.66 16.03 -0.37
C GLN D 136 -35.56 16.97 0.10
N VAL D 137 -34.55 17.17 -0.74
CA VAL D 137 -33.54 18.21 -0.59
C VAL D 137 -33.59 19.08 -1.84
N THR D 138 -33.72 20.39 -1.66
CA THR D 138 -33.73 21.32 -2.78
C THR D 138 -32.79 22.46 -2.48
N VAL D 139 -31.81 22.65 -3.36
CA VAL D 139 -30.79 23.68 -3.19
C VAL D 139 -31.02 24.77 -4.23
N SER D 140 -31.03 26.02 -3.75
CA SER D 140 -31.18 27.19 -4.60
C SER D 140 -30.12 27.35 -5.67
N SER D 141 -30.30 28.40 -6.49
CA SER D 141 -29.22 28.99 -7.27
C SER D 141 -28.92 30.39 -6.74
N HIS D 142 -29.82 31.36 -6.94
CA HIS D 142 -29.63 32.70 -6.41
C HIS D 142 -30.86 33.15 -5.62
N GLN E 1 31.07 22.57 17.25
CA GLN E 1 30.51 21.71 16.18
C GLN E 1 29.49 20.70 16.68
N VAL E 2 29.37 19.58 15.96
CA VAL E 2 28.43 18.53 16.33
C VAL E 2 28.98 17.76 17.53
N GLN E 3 28.20 17.71 18.62
CA GLN E 3 28.52 16.88 19.77
C GLN E 3 27.25 16.16 20.20
N LEU E 4 27.41 14.88 20.51
CA LEU E 4 26.31 14.02 20.95
C LEU E 4 26.64 13.49 22.33
N GLN E 5 25.85 13.86 23.33
CA GLN E 5 26.10 13.47 24.72
C GLN E 5 25.02 12.50 25.17
N GLU E 6 25.40 11.24 25.37
CA GLU E 6 24.52 10.19 25.82
C GLU E 6 24.42 10.17 27.34
N SER E 7 23.22 9.92 27.85
CA SER E 7 22.99 9.70 29.27
C SER E 7 21.92 8.63 29.44
N GLY E 8 21.80 8.10 30.65
CA GLY E 8 20.70 7.23 31.01
C GLY E 8 20.99 5.75 31.03
N GLY E 9 22.25 5.33 30.83
CA GLY E 9 22.60 3.94 30.93
C GLY E 9 22.76 3.49 32.39
N GLY E 10 23.12 2.22 32.55
CA GLY E 10 23.42 1.69 33.87
C GLY E 10 23.20 0.18 33.93
N LEU E 11 22.90 -0.30 35.13
CA LEU E 11 22.61 -1.70 35.39
C LEU E 11 21.13 -1.83 35.66
N VAL E 12 20.51 -2.88 35.17
CA VAL E 12 19.07 -3.02 35.43
C VAL E 12 18.68 -4.48 35.38
N GLN E 13 17.75 -4.84 36.26
CA GLN E 13 17.25 -6.20 36.30
C GLN E 13 16.50 -6.49 35.01
N ALA E 14 16.67 -7.72 34.53
CA ALA E 14 15.91 -8.19 33.38
C ALA E 14 14.42 -7.98 33.61
N GLY E 15 13.73 -7.52 32.58
CA GLY E 15 12.36 -7.12 32.68
C GLY E 15 12.16 -5.64 32.94
N GLY E 16 13.21 -4.95 33.37
CA GLY E 16 13.14 -3.53 33.67
C GLY E 16 13.27 -2.66 32.44
N SER E 17 13.36 -1.37 32.70
CA SER E 17 13.41 -0.36 31.66
C SER E 17 14.51 0.61 31.95
N LEU E 18 14.92 1.30 30.88
CA LEU E 18 15.77 2.47 30.97
C LEU E 18 15.27 3.48 29.96
N ARG E 19 15.73 4.72 30.09
CA ARG E 19 15.52 5.73 29.06
C ARG E 19 16.85 6.40 28.71
N LEU E 20 17.35 6.14 27.51
CA LEU E 20 18.58 6.79 27.06
C LEU E 20 18.25 8.13 26.46
N SER E 21 19.13 9.09 26.67
CA SER E 21 18.99 10.43 26.12
C SER E 21 20.28 10.81 25.41
N CYS E 22 20.12 11.50 24.28
CA CYS E 22 21.23 12.03 23.50
C CYS E 22 20.93 13.47 23.12
N ALA E 23 21.73 14.41 23.63
CA ALA E 23 21.58 15.83 23.35
C ALA E 23 22.60 16.26 22.28
N ALA E 24 22.10 16.84 21.20
CA ALA E 24 22.92 17.17 20.03
C ALA E 24 23.21 18.68 20.00
N SER E 25 24.49 19.03 20.00
CA SER E 25 24.93 20.43 20.07
C SER E 25 24.37 21.29 18.95
N GLY E 26 25.02 21.32 17.79
CA GLY E 26 24.66 22.23 16.73
C GLY E 26 24.73 21.62 15.35
N GLY E 27 23.68 20.92 14.82
CA GLY E 27 23.56 20.34 13.46
C GLY E 27 22.21 19.66 13.24
N THR E 28 22.16 18.33 13.03
CA THR E 28 20.97 17.44 12.88
C THR E 28 21.12 16.26 13.83
N SER E 31 17.52 15.58 3.68
CA SER E 31 17.10 14.43 4.53
C SER E 31 18.05 14.36 5.72
N GLY E 32 17.57 13.97 6.91
CA GLY E 32 18.41 13.84 8.09
C GLY E 32 17.65 13.19 9.23
N GLY E 33 18.42 12.72 10.20
CA GLY E 33 17.83 12.03 11.34
C GLY E 33 18.91 11.53 12.28
N MET E 34 18.45 10.90 13.37
CA MET E 34 19.33 10.35 14.38
C MET E 34 18.92 8.90 14.64
N ALA E 35 19.83 8.17 15.29
CA ALA E 35 19.59 6.76 15.56
C ALA E 35 20.41 6.34 16.79
N TRP E 36 20.06 5.17 17.31
CA TRP E 36 20.80 4.51 18.36
C TRP E 36 21.37 3.23 17.75
N PHE E 37 22.67 3.04 17.91
CA PHE E 37 23.39 1.82 17.58
C PHE E 37 23.87 1.18 18.87
N ARG E 38 24.18 -0.12 18.80
CA ARG E 38 24.69 -0.82 19.95
C ARG E 38 25.74 -1.85 19.54
N GLN E 39 26.72 -2.03 20.40
CA GLN E 39 27.81 -2.99 20.25
C GLN E 39 27.71 -3.99 21.40
N ALA E 40 27.09 -5.20 21.21
CA ALA E 40 26.99 -6.29 22.22
C ALA E 40 28.33 -7.02 22.36
N GLY E 41 29.33 -6.65 21.55
CA GLY E 41 30.71 -7.20 21.60
C GLY E 41 31.11 -7.84 20.27
N TYR E 42 32.42 -7.96 20.04
CA TYR E 42 32.98 -8.61 18.83
C TYR E 42 32.67 -10.12 18.87
N ILE E 43 32.56 -10.67 17.67
CA ILE E 43 32.16 -12.07 17.34
C ILE E 43 33.44 -12.79 16.94
N ASP E 44 33.66 -14.00 17.47
CA ASP E 44 34.81 -14.89 17.15
C ASP E 44 34.56 -15.60 15.79
N THR E 45 34.69 -14.87 14.69
CA THR E 45 34.55 -15.35 13.29
C THR E 45 35.78 -16.19 12.92
N ASN E 46 36.00 -17.29 13.64
CA ASN E 46 37.09 -18.28 13.39
C ASN E 46 36.95 -19.41 14.42
N ASN E 47 36.26 -19.17 15.55
CA ASN E 47 36.01 -20.13 16.66
C ASN E 47 37.34 -20.75 17.11
N ASP E 48 38.24 -19.92 17.63
CA ASP E 48 39.58 -20.30 18.13
C ASP E 48 39.68 -19.93 19.61
N GLY E 49 38.74 -19.12 20.11
CA GLY E 49 38.70 -18.73 21.52
C GLY E 49 39.08 -17.28 21.70
N TRP E 50 39.71 -16.67 20.68
CA TRP E 50 40.25 -15.29 20.74
C TRP E 50 39.51 -14.35 19.79
N ILE E 51 39.51 -13.06 20.12
CA ILE E 51 39.10 -11.95 19.22
C ILE E 51 40.41 -11.39 18.65
N GLU E 52 40.59 -11.49 17.33
CA GLU E 52 41.81 -11.03 16.63
C GLU E 52 41.43 -10.61 15.20
N GLY E 53 42.27 -9.73 14.62
CA GLY E 53 42.26 -9.32 13.20
C GLY E 53 40.92 -8.78 12.75
N ASP E 54 40.31 -9.45 11.77
CA ASP E 54 39.11 -9.01 10.99
C ASP E 54 37.89 -8.92 11.90
N GLU E 55 37.97 -9.55 13.08
CA GLU E 55 36.86 -9.71 14.05
C GLU E 55 36.65 -8.41 14.84
N LEU E 56 37.65 -7.54 14.92
CA LEU E 56 37.53 -6.25 15.66
C LEU E 56 36.84 -5.19 14.77
N TYR E 57 36.40 -5.58 13.57
CA TYR E 57 35.69 -4.71 12.58
C TYR E 57 34.18 -5.01 12.57
N LYS E 58 33.66 -5.68 13.59
CA LYS E 58 32.19 -5.94 13.71
C LYS E 58 31.50 -4.57 13.89
N ALA E 59 30.77 -4.16 12.88
CA ALA E 59 30.13 -2.86 12.95
C ALA E 59 29.11 -2.81 14.09
N ARG E 60 28.97 -1.64 14.70
CA ARG E 60 27.89 -1.42 15.64
C ARG E 60 26.56 -1.70 14.95
N GLU E 61 25.61 -2.24 15.70
CA GLU E 61 24.38 -2.73 15.12
C GLU E 61 23.25 -1.73 15.36
N PHE E 62 22.45 -1.52 14.31
CA PHE E 62 21.34 -0.59 14.38
C PHE E 62 20.32 -1.06 15.41
N ALA E 63 19.79 -0.12 16.19
CA ALA E 63 18.77 -0.41 17.18
C ALA E 63 17.49 0.34 16.89
N ALA E 64 17.56 1.66 16.69
CA ALA E 64 16.40 2.45 16.32
C ALA E 64 16.84 3.75 15.69
N GLY E 65 15.99 4.29 14.81
CA GLY E 65 16.27 5.56 14.16
C GLY E 65 14.99 6.35 13.94
N ILE E 66 15.15 7.65 13.73
CA ILE E 66 14.04 8.60 13.69
C ILE E 66 14.38 9.79 12.79
N SER E 67 13.37 10.25 12.04
CA SER E 67 13.47 11.42 11.18
C SER E 67 14.00 12.67 11.89
N TRP E 68 14.45 13.66 11.12
CA TRP E 68 14.58 15.00 11.69
C TRP E 68 13.21 15.51 12.12
N SER E 69 12.19 15.27 11.30
CA SER E 69 10.83 15.68 11.65
C SER E 69 10.29 14.91 12.83
N GLY E 70 10.80 13.70 13.07
CA GLY E 70 10.16 12.75 13.95
C GLY E 70 9.06 11.94 13.30
N GLY E 71 8.75 12.19 12.03
CA GLY E 71 7.65 11.52 11.38
C GLY E 71 7.93 10.13 10.86
N SER E 72 9.17 9.66 10.95
CA SER E 72 9.58 8.35 10.44
C SER E 72 10.42 7.66 11.50
N THR E 73 10.12 6.39 11.75
CA THR E 73 10.88 5.60 12.71
C THR E 73 11.09 4.19 12.16
N ASP E 74 12.17 3.55 12.62
CA ASP E 74 12.50 2.19 12.22
CA ASP E 74 12.50 2.19 12.22
C ASP E 74 13.18 1.51 13.40
N TYR E 75 12.89 0.24 13.58
CA TYR E 75 13.42 -0.51 14.72
C TYR E 75 14.04 -1.81 14.26
N GLU E 76 15.18 -2.17 14.86
CA GLU E 76 15.70 -3.52 14.78
C GLU E 76 14.58 -4.47 15.21
N ASP E 77 14.44 -5.59 14.49
CA ASP E 77 13.24 -6.40 14.68
C ASP E 77 13.20 -7.08 16.05
N SER E 78 14.36 -7.33 16.66
CA SER E 78 14.39 -7.93 18.00
C SER E 78 14.07 -6.95 19.13
N VAL E 79 13.94 -5.66 18.83
CA VAL E 79 13.54 -4.66 19.84
C VAL E 79 12.23 -3.98 19.51
N LYS E 80 11.65 -4.24 18.34
CA LYS E 80 10.35 -3.66 18.01
C LYS E 80 9.32 -4.04 19.07
N GLY E 81 8.48 -3.07 19.43
CA GLY E 81 7.50 -3.28 20.47
C GLY E 81 8.02 -3.10 21.89
N ARG E 82 9.32 -3.25 22.11
CA ARG E 82 9.92 -3.05 23.41
C ARG E 82 10.60 -1.72 23.56
N PHE E 83 11.17 -1.19 22.46
CA PHE E 83 11.85 0.09 22.44
C PHE E 83 11.02 1.11 21.69
N THR E 84 11.03 2.36 22.16
CA THR E 84 10.37 3.44 21.43
C THR E 84 11.33 4.62 21.29
N ILE E 85 11.53 5.05 20.07
CA ILE E 85 12.42 6.18 19.82
C ILE E 85 11.56 7.42 19.62
N SER E 86 12.09 8.56 20.06
CA SER E 86 11.32 9.80 20.00
C SER E 86 12.32 10.94 19.98
N ARG E 87 11.83 12.12 19.59
CA ARG E 87 12.68 13.28 19.42
C ARG E 87 11.91 14.50 19.91
N ASP E 88 12.63 15.43 20.53
CA ASP E 88 12.07 16.71 20.98
C ASP E 88 12.96 17.80 20.36
N ASN E 89 12.68 18.15 19.11
CA ASN E 89 13.37 19.26 18.46
C ASN E 89 12.76 20.55 19.02
N ALA E 90 13.57 21.30 19.76
CA ALA E 90 13.11 22.33 20.68
C ALA E 90 14.13 22.33 21.82
N LYS E 91 14.32 21.15 22.41
CA LYS E 91 15.51 20.82 23.17
C LYS E 91 16.44 20.00 22.28
N ASN E 92 17.66 19.81 22.75
CA ASN E 92 18.71 19.21 21.94
C ASN E 92 18.61 17.69 21.84
N THR E 93 17.51 17.07 22.25
CA THR E 93 17.56 15.69 22.72
C THR E 93 16.75 14.69 21.91
N MET E 94 17.30 13.48 21.80
CA MET E 94 16.62 12.30 21.29
C MET E 94 16.60 11.25 22.41
N TYR E 95 15.54 10.46 22.47
CA TYR E 95 15.34 9.50 23.55
C TYR E 95 15.09 8.10 23.04
N LEU E 96 15.63 7.10 23.74
CA LEU E 96 15.27 5.70 23.53
C LEU E 96 14.68 5.16 24.84
N GLN E 97 13.35 5.01 24.88
CA GLN E 97 12.64 4.26 25.91
C GLN E 97 12.84 2.76 25.66
N MET E 98 13.43 2.06 26.63
CA MET E 98 13.69 0.64 26.49
C MET E 98 12.93 -0.12 27.57
N ASN E 99 11.89 -0.85 27.17
CA ASN E 99 11.12 -1.65 28.11
C ASN E 99 11.46 -3.13 27.95
N SER E 100 11.07 -3.91 28.96
CA SER E 100 11.15 -5.38 28.89
C SER E 100 12.55 -5.80 28.48
N LEU E 101 13.52 -5.25 29.17
CA LEU E 101 14.93 -5.45 28.84
C LEU E 101 15.34 -6.92 29.02
N LYS E 102 16.20 -7.43 28.14
CA LYS E 102 16.70 -8.80 28.18
C LYS E 102 18.22 -8.79 28.34
N PRO E 103 18.79 -9.86 28.91
CA PRO E 103 20.26 -9.97 28.94
C PRO E 103 20.88 -9.77 27.57
N GLU E 104 20.17 -10.19 26.51
CA GLU E 104 20.64 -9.97 25.15
C GLU E 104 20.78 -8.49 24.80
N ASP E 105 20.11 -7.61 25.54
CA ASP E 105 20.21 -6.18 25.25
C ASP E 105 21.47 -5.54 25.86
N THR E 106 22.22 -6.26 26.68
CA THR E 106 23.47 -5.72 27.19
C THR E 106 24.39 -5.32 26.04
N ALA E 107 24.92 -4.10 26.10
CA ALA E 107 25.76 -3.57 25.03
C ALA E 107 26.18 -2.14 25.37
N VAL E 108 27.18 -1.68 24.63
CA VAL E 108 27.48 -0.24 24.55
C VAL E 108 26.53 0.36 23.52
N TYR E 109 25.69 1.32 23.95
CA TYR E 109 24.76 2.01 23.07
C TYR E 109 25.37 3.33 22.61
N TYR E 110 25.25 3.62 21.32
CA TYR E 110 25.84 4.82 20.73
C TYR E 110 24.78 5.62 20.03
N CYS E 111 24.67 6.91 20.34
CA CYS E 111 23.81 7.81 19.59
CA CYS E 111 23.79 7.74 19.55
C CYS E 111 24.53 8.22 18.30
N ALA E 112 23.76 8.38 17.23
CA ALA E 112 24.26 8.64 15.89
C ALA E 112 23.43 9.72 15.22
N ALA E 113 24.09 10.60 14.46
CA ALA E 113 23.42 11.65 13.72
C ALA E 113 23.98 11.76 12.31
N ALA E 114 23.12 12.07 11.35
CA ALA E 114 23.56 12.33 9.98
C ALA E 114 23.42 13.81 9.63
N GLY E 120 17.58 10.11 5.14
CA GLY E 120 16.80 10.50 6.30
C GLY E 120 17.02 9.56 7.47
N VAL E 121 16.02 8.73 7.75
CA VAL E 121 16.11 7.73 8.81
C VAL E 121 17.37 6.89 8.63
N VAL E 122 18.46 7.31 9.27
CA VAL E 122 19.73 6.60 9.14
C VAL E 122 19.62 5.21 9.75
N THR E 123 20.18 4.22 9.07
CA THR E 123 20.03 2.84 9.49
C THR E 123 21.33 2.05 9.47
N ARG E 124 22.25 2.41 8.60
CA ARG E 124 23.51 1.68 8.45
C ARG E 124 24.65 2.50 9.03
N ALA E 125 25.57 1.81 9.71
CA ALA E 125 26.64 2.49 10.43
C ALA E 125 27.45 3.40 9.51
N ASP E 126 27.79 2.90 8.31
CA ASP E 126 28.58 3.70 7.38
C ASP E 126 27.86 4.99 7.02
N ASP E 127 26.53 4.94 6.91
CA ASP E 127 25.73 6.11 6.57
C ASP E 127 25.63 7.12 7.70
N VAL E 128 26.34 6.91 8.83
CA VAL E 128 26.33 7.84 9.95
C VAL E 128 27.52 8.77 9.81
N ASP E 129 27.33 10.04 10.15
CA ASP E 129 28.41 11.02 10.11
C ASP E 129 29.02 11.29 11.48
N TYR E 130 28.20 11.43 12.52
CA TYR E 130 28.70 11.82 13.85
C TYR E 130 28.21 10.81 14.89
N TRP E 131 29.12 10.47 15.82
CA TRP E 131 28.87 9.46 16.82
C TRP E 131 29.05 10.04 18.22
N GLY E 132 28.25 9.55 19.16
CA GLY E 132 28.56 9.75 20.56
C GLY E 132 29.58 8.75 21.03
N LYS E 133 30.11 8.98 22.24
CA LYS E 133 31.18 8.12 22.73
C LYS E 133 30.66 6.85 23.40
N GLY E 134 29.35 6.68 23.53
CA GLY E 134 28.77 5.43 23.95
C GLY E 134 28.45 5.39 25.44
N THR E 135 27.43 4.61 25.81
CA THR E 135 27.09 4.42 27.21
C THR E 135 26.69 2.97 27.45
N GLN E 136 27.15 2.42 28.58
CA GLN E 136 26.97 1.01 28.89
C GLN E 136 25.58 0.72 29.44
N VAL E 137 24.96 -0.35 28.95
CA VAL E 137 23.72 -0.92 29.47
C VAL E 137 24.00 -2.38 29.77
N THR E 138 23.86 -2.75 31.03
CA THR E 138 24.13 -4.13 31.45
C THR E 138 22.88 -4.68 32.14
N VAL E 139 22.16 -5.55 31.48
CA VAL E 139 20.96 -6.20 32.02
C VAL E 139 21.34 -7.51 32.75
N SER E 140 20.78 -7.78 33.92
CA SER E 140 21.00 -9.00 34.68
C SER E 140 20.59 -10.20 33.86
N SER E 141 21.35 -11.28 33.96
CA SER E 141 21.00 -12.49 33.21
C SER E 141 19.82 -13.24 33.82
N HIS E 142 19.14 -12.66 34.79
CA HIS E 142 17.87 -13.19 35.30
C HIS E 142 18.03 -14.62 35.85
TB TB F . -39.33 19.23 -16.66
TB TB G . -19.59 10.20 -9.94
TB TB H . 0.68 22.67 -8.55
S SO4 I . 16.00 -18.89 -9.63
O1 SO4 I . 17.22 -19.36 -8.98
O2 SO4 I . 16.35 -18.07 -10.78
O3 SO4 I . 15.24 -20.06 -10.03
O4 SO4 I . 15.22 -18.09 -8.70
TB TB J . 35.13 -12.80 26.86
TB TB K . 31.55 -14.79 29.92
S SO4 L . -0.05 -19.98 2.76
O1 SO4 L . 0.17 -18.97 3.80
O2 SO4 L . 0.87 -19.75 1.67
O3 SO4 L . 0.10 -21.31 3.33
O4 SO4 L . -1.43 -19.85 2.28
S SO4 M . -1.78 -30.60 10.48
O1 SO4 M . -0.60 -29.93 11.03
O2 SO4 M . -1.44 -31.92 9.99
O3 SO4 M . -2.31 -29.82 9.36
O4 SO4 M . -2.80 -30.69 11.52
TB TB N . 17.65 -8.61 13.76
TB TB O . -36.87 10.79 -24.13
S SO4 P . -37.38 6.51 -7.91
O1 SO4 P . -36.13 6.81 -7.21
O2 SO4 P . -37.11 5.65 -9.06
O3 SO4 P . -38.30 5.84 -7.02
O4 SO4 P . -37.96 7.78 -8.35
S SO4 Q . -15.53 -2.50 9.09
O1 SO4 Q . -16.06 -1.62 10.12
O2 SO4 Q . -14.14 -2.80 9.37
O3 SO4 Q . -16.31 -3.72 9.04
O4 SO4 Q . -15.63 -1.83 7.79
TB TB R . 39.05 -15.44 16.53
TB TB S . 37.36 -18.44 20.72
S SO4 T . 33.00 -0.27 18.51
O1 SO4 T . 33.66 1.01 18.78
O2 SO4 T . 33.41 -1.22 19.54
O3 SO4 T . 31.55 -0.11 18.53
O4 SO4 T . 33.39 -0.75 17.19
#